data_1LP7
# 
_entry.id   1LP7 
# 
_audit_conform.dict_name       mmcif_pdbx.dic 
_audit_conform.dict_version    5.386 
_audit_conform.dict_location   http://mmcif.pdb.org/dictionaries/ascii/mmcif_pdbx.dic 
# 
loop_
_database_2.database_id 
_database_2.database_code 
_database_2.pdbx_database_accession 
_database_2.pdbx_DOI 
PDB   1LP7         pdb_00001lp7 10.2210/pdb1lp7/pdb 
NDB   BD0057       ?            ?                   
RCSB  RCSB016155   ?            ?                   
WWPDB D_1000016155 ?            ?                   
# 
loop_
_pdbx_audit_revision_history.ordinal 
_pdbx_audit_revision_history.data_content_type 
_pdbx_audit_revision_history.major_revision 
_pdbx_audit_revision_history.minor_revision 
_pdbx_audit_revision_history.revision_date 
1 'Structure model' 1 0 2004-01-20 
2 'Structure model' 1 1 2008-04-28 
3 'Structure model' 1 2 2011-07-13 
4 'Structure model' 1 3 2018-02-14 
5 'Structure model' 1 4 2024-02-14 
# 
_pdbx_audit_revision_details.ordinal             1 
_pdbx_audit_revision_details.revision_ordinal    1 
_pdbx_audit_revision_details.data_content_type   'Structure model' 
_pdbx_audit_revision_details.provider            repository 
_pdbx_audit_revision_details.type                'Initial release' 
_pdbx_audit_revision_details.description         ? 
_pdbx_audit_revision_details.details             ? 
# 
loop_
_pdbx_audit_revision_group.ordinal 
_pdbx_audit_revision_group.revision_ordinal 
_pdbx_audit_revision_group.data_content_type 
_pdbx_audit_revision_group.group 
1 2 'Structure model' 'Version format compliance' 
2 3 'Structure model' 'Version format compliance' 
3 4 'Structure model' 'Experimental preparation'  
4 5 'Structure model' 'Data collection'           
5 5 'Structure model' 'Database references'       
6 5 'Structure model' 'Derived calculations'      
# 
loop_
_pdbx_audit_revision_category.ordinal 
_pdbx_audit_revision_category.revision_ordinal 
_pdbx_audit_revision_category.data_content_type 
_pdbx_audit_revision_category.category 
1 4 'Structure model' exptl_crystal_grow     
2 5 'Structure model' chem_comp_atom         
3 5 'Structure model' chem_comp_bond         
4 5 'Structure model' database_2             
5 5 'Structure model' pdbx_struct_conn_angle 
6 5 'Structure model' struct_conn            
7 5 'Structure model' struct_site            
# 
loop_
_pdbx_audit_revision_item.ordinal 
_pdbx_audit_revision_item.revision_ordinal 
_pdbx_audit_revision_item.data_content_type 
_pdbx_audit_revision_item.item 
1  4 'Structure model' '_exptl_crystal_grow.temp'                    
2  5 'Structure model' '_database_2.pdbx_DOI'                        
3  5 'Structure model' '_database_2.pdbx_database_accession'         
4  5 'Structure model' '_pdbx_struct_conn_angle.ptnr1_auth_asym_id'  
5  5 'Structure model' '_pdbx_struct_conn_angle.ptnr1_auth_seq_id'   
6  5 'Structure model' '_pdbx_struct_conn_angle.ptnr1_label_asym_id' 
7  5 'Structure model' '_pdbx_struct_conn_angle.ptnr3_auth_asym_id'  
8  5 'Structure model' '_pdbx_struct_conn_angle.ptnr3_auth_seq_id'   
9  5 'Structure model' '_pdbx_struct_conn_angle.ptnr3_label_asym_id' 
10 5 'Structure model' '_pdbx_struct_conn_angle.value'               
11 5 'Structure model' '_struct_conn.pdbx_dist_value'                
12 5 'Structure model' '_struct_conn.ptnr2_auth_asym_id'             
13 5 'Structure model' '_struct_conn.ptnr2_auth_seq_id'              
14 5 'Structure model' '_struct_conn.ptnr2_label_asym_id'            
15 5 'Structure model' '_struct_site.pdbx_auth_asym_id'              
16 5 'Structure model' '_struct_site.pdbx_auth_comp_id'              
17 5 'Structure model' '_struct_site.pdbx_auth_seq_id'               
# 
_pdbx_database_status.status_code                     REL 
_pdbx_database_status.entry_id                        1LP7 
_pdbx_database_status.recvd_initial_deposition_date   2002-05-07 
_pdbx_database_status.deposit_site                    RCSB 
_pdbx_database_status.process_site                    RCSB 
_pdbx_database_status.SG_entry                        . 
_pdbx_database_status.pdb_format_compatible           Y 
_pdbx_database_status.status_code_mr                  ? 
_pdbx_database_status.status_code_sf                  ? 
_pdbx_database_status.status_code_cs                  ? 
_pdbx_database_status.methods_development_category    ? 
_pdbx_database_status.status_code_nmr_data            ? 
# 
loop_
_audit_author.name 
_audit_author.pdbx_ordinal 
'Todd, A.K.' 1 
'Neidle, S.' 2 
# 
_citation.id                        primary 
_citation.title                     
;Crystal Structure of a Non-Self Complementary DNA Dodecamer Containing an A/T Tract: Analysis of the Effect of Crystal Environment on Local Helical Parameters
;
_citation.journal_abbrev            'To be Published' 
_citation.journal_volume            ? 
_citation.page_first                ? 
_citation.page_last                 ? 
_citation.year                      ? 
_citation.journal_id_ASTM           ? 
_citation.country                   ? 
_citation.journal_id_ISSN           ? 
_citation.journal_id_CSD            0353 
_citation.book_publisher            ? 
_citation.pdbx_database_id_PubMed   ? 
_citation.pdbx_database_id_DOI      ? 
# 
loop_
_citation_author.citation_id 
_citation_author.name 
_citation_author.ordinal 
_citation_author.identifier_ORCID 
primary 'Todd, A.K.' 1 ? 
primary 'Neidle, S.' 2 ? 
# 
loop_
_entity.id 
_entity.type 
_entity.src_method 
_entity.pdbx_description 
_entity.formula_weight 
_entity.pdbx_number_of_molecules 
_entity.pdbx_ec 
_entity.pdbx_mutation 
_entity.pdbx_fragment 
_entity.details 
1 polymer     syn "5'-D(*CP*GP*CP*TP*TP*AP*TP*AP*TP*GP*CP*G)-3'" 3653.390 1  ? ? ? ? 
2 polymer     syn "5'-D(*CP*GP*CP*AP*TP*AP*TP*AP*AP*GP*CP*G)-3'" 3671.418 1  ? ? ? ? 
3 non-polymer syn 'MAGNESIUM ION'                                24.305   1  ? ? ? ? 
4 water       nat water                                          18.015   94 ? ? ? ? 
# 
loop_
_entity_poly.entity_id 
_entity_poly.type 
_entity_poly.nstd_linkage 
_entity_poly.nstd_monomer 
_entity_poly.pdbx_seq_one_letter_code 
_entity_poly.pdbx_seq_one_letter_code_can 
_entity_poly.pdbx_strand_id 
_entity_poly.pdbx_target_identifier 
1 polydeoxyribonucleotide no no '(DC)(DG)(DC)(DT)(DT)(DA)(DT)(DA)(DT)(DG)(DC)(DG)' CGCTTATATGCG A ? 
2 polydeoxyribonucleotide no no '(DC)(DG)(DC)(DA)(DT)(DA)(DT)(DA)(DA)(DG)(DC)(DG)' CGCATATAAGCG B ? 
# 
loop_
_pdbx_entity_nonpoly.entity_id 
_pdbx_entity_nonpoly.name 
_pdbx_entity_nonpoly.comp_id 
3 'MAGNESIUM ION' MG  
4 water           HOH 
# 
loop_
_entity_poly_seq.entity_id 
_entity_poly_seq.num 
_entity_poly_seq.mon_id 
_entity_poly_seq.hetero 
1 1  DC n 
1 2  DG n 
1 3  DC n 
1 4  DT n 
1 5  DT n 
1 6  DA n 
1 7  DT n 
1 8  DA n 
1 9  DT n 
1 10 DG n 
1 11 DC n 
1 12 DG n 
2 1  DC n 
2 2  DG n 
2 3  DC n 
2 4  DA n 
2 5  DT n 
2 6  DA n 
2 7  DT n 
2 8  DA n 
2 9  DA n 
2 10 DG n 
2 11 DC n 
2 12 DG n 
# 
loop_
_chem_comp.id 
_chem_comp.type 
_chem_comp.mon_nstd_flag 
_chem_comp.name 
_chem_comp.pdbx_synonyms 
_chem_comp.formula 
_chem_comp.formula_weight 
DA  'DNA linking' y "2'-DEOXYADENOSINE-5'-MONOPHOSPHATE" ? 'C10 H14 N5 O6 P' 331.222 
DC  'DNA linking' y "2'-DEOXYCYTIDINE-5'-MONOPHOSPHATE"  ? 'C9 H14 N3 O7 P'  307.197 
DG  'DNA linking' y "2'-DEOXYGUANOSINE-5'-MONOPHOSPHATE" ? 'C10 H14 N5 O7 P' 347.221 
DT  'DNA linking' y "THYMIDINE-5'-MONOPHOSPHATE"         ? 'C10 H15 N2 O8 P' 322.208 
HOH non-polymer   . WATER                                ? 'H2 O'            18.015  
MG  non-polymer   . 'MAGNESIUM ION'                      ? 'Mg 2'            24.305  
# 
loop_
_pdbx_poly_seq_scheme.asym_id 
_pdbx_poly_seq_scheme.entity_id 
_pdbx_poly_seq_scheme.seq_id 
_pdbx_poly_seq_scheme.mon_id 
_pdbx_poly_seq_scheme.ndb_seq_num 
_pdbx_poly_seq_scheme.pdb_seq_num 
_pdbx_poly_seq_scheme.auth_seq_num 
_pdbx_poly_seq_scheme.pdb_mon_id 
_pdbx_poly_seq_scheme.auth_mon_id 
_pdbx_poly_seq_scheme.pdb_strand_id 
_pdbx_poly_seq_scheme.pdb_ins_code 
_pdbx_poly_seq_scheme.hetero 
A 1 1  DC 1  1  1  DC C A . n 
A 1 2  DG 2  2  2  DG G A . n 
A 1 3  DC 3  3  3  DC C A . n 
A 1 4  DT 4  4  4  DT T A . n 
A 1 5  DT 5  5  5  DT T A . n 
A 1 6  DA 6  6  6  DA A A . n 
A 1 7  DT 7  7  7  DT T A . n 
A 1 8  DA 8  8  8  DA A A . n 
A 1 9  DT 9  9  9  DT T A . n 
A 1 10 DG 10 10 10 DG G A . n 
A 1 11 DC 11 11 11 DC C A . n 
A 1 12 DG 12 12 12 DG G A . n 
B 2 1  DC 1  13 13 DC C B . n 
B 2 2  DG 2  14 14 DG G B . n 
B 2 3  DC 3  15 15 DC C B . n 
B 2 4  DA 4  16 16 DA A B . n 
B 2 5  DT 5  17 17 DT T B . n 
B 2 6  DA 6  18 18 DA A B . n 
B 2 7  DT 7  19 19 DT T B . n 
B 2 8  DA 8  20 20 DA A B . n 
B 2 9  DA 9  21 21 DA A B . n 
B 2 10 DG 10 22 22 DG G B . n 
B 2 11 DC 11 23 23 DC C B . n 
B 2 12 DG 12 24 24 DG G B . n 
# 
loop_
_pdbx_nonpoly_scheme.asym_id 
_pdbx_nonpoly_scheme.entity_id 
_pdbx_nonpoly_scheme.mon_id 
_pdbx_nonpoly_scheme.ndb_seq_num 
_pdbx_nonpoly_scheme.pdb_seq_num 
_pdbx_nonpoly_scheme.auth_seq_num 
_pdbx_nonpoly_scheme.pdb_mon_id 
_pdbx_nonpoly_scheme.auth_mon_id 
_pdbx_nonpoly_scheme.pdb_strand_id 
_pdbx_nonpoly_scheme.pdb_ins_code 
C 3 MG  1  26  26  MG  MO6 A . 
D 4 HOH 1  28  28  HOH TIP A . 
D 4 HOH 2  30  30  HOH TIP A . 
D 4 HOH 3  32  32  HOH TIP A . 
D 4 HOH 4  33  33  HOH TIP A . 
D 4 HOH 5  34  34  HOH TIP A . 
D 4 HOH 6  35  35  HOH TIP A . 
D 4 HOH 7  36  36  HOH TIP A . 
D 4 HOH 8  37  37  HOH TIP A . 
D 4 HOH 9  39  39  HOH TIP A . 
D 4 HOH 10 42  42  HOH TIP A . 
D 4 HOH 11 43  43  HOH TIP A . 
D 4 HOH 12 44  44  HOH TIP A . 
D 4 HOH 13 45  45  HOH TIP A . 
D 4 HOH 14 46  46  HOH TIP A . 
D 4 HOH 15 47  47  HOH TIP A . 
D 4 HOH 16 48  48  HOH TIP A . 
D 4 HOH 17 51  51  HOH TIP A . 
D 4 HOH 18 52  52  HOH TIP A . 
D 4 HOH 19 53  53  HOH TIP A . 
D 4 HOH 20 54  54  HOH TIP A . 
D 4 HOH 21 55  55  HOH TIP A . 
D 4 HOH 22 58  58  HOH TIP A . 
D 4 HOH 23 60  60  HOH TIP A . 
D 4 HOH 24 62  62  HOH TIP A . 
D 4 HOH 25 63  63  HOH TIP A . 
D 4 HOH 26 65  65  HOH TIP A . 
D 4 HOH 27 66  66  HOH TIP A . 
D 4 HOH 28 68  68  HOH TIP A . 
D 4 HOH 29 69  69  HOH TIP A . 
D 4 HOH 30 72  72  HOH TIP A . 
D 4 HOH 31 73  73  HOH TIP A . 
D 4 HOH 32 76  76  HOH TIP A . 
D 4 HOH 33 78  78  HOH TIP A . 
D 4 HOH 34 84  84  HOH TIP A . 
D 4 HOH 35 85  85  HOH TIP A . 
D 4 HOH 36 87  87  HOH TIP A . 
D 4 HOH 37 88  88  HOH TIP A . 
D 4 HOH 38 91  91  HOH TIP A . 
D 4 HOH 39 95  95  HOH TIP A . 
D 4 HOH 40 97  97  HOH TIP A . 
D 4 HOH 41 100 100 HOH TIP A . 
D 4 HOH 42 102 102 HOH TIP A . 
D 4 HOH 43 103 103 HOH TIP A . 
D 4 HOH 44 106 106 HOH TIP A . 
D 4 HOH 45 107 107 HOH TIP A . 
D 4 HOH 46 108 108 HOH TIP A . 
D 4 HOH 47 109 109 HOH TIP A . 
D 4 HOH 48 110 110 HOH TIP A . 
D 4 HOH 49 112 112 HOH TIP A . 
D 4 HOH 50 115 26  HOH MO6 A . 
D 4 HOH 51 116 26  HOH MO6 A . 
D 4 HOH 52 118 26  HOH MO6 A . 
D 4 HOH 53 119 26  HOH MO6 A . 
E 4 HOH 1  27  27  HOH TIP B . 
E 4 HOH 2  29  29  HOH TIP B . 
E 4 HOH 3  31  31  HOH TIP B . 
E 4 HOH 4  38  38  HOH TIP B . 
E 4 HOH 5  40  40  HOH TIP B . 
E 4 HOH 6  41  41  HOH TIP B . 
E 4 HOH 7  49  49  HOH TIP B . 
E 4 HOH 8  50  50  HOH TIP B . 
E 4 HOH 9  56  56  HOH TIP B . 
E 4 HOH 10 57  57  HOH TIP B . 
E 4 HOH 11 59  59  HOH TIP B . 
E 4 HOH 12 61  61  HOH TIP B . 
E 4 HOH 13 64  64  HOH TIP B . 
E 4 HOH 14 67  67  HOH TIP B . 
E 4 HOH 15 70  70  HOH TIP B . 
E 4 HOH 16 71  71  HOH TIP B . 
E 4 HOH 17 74  74  HOH TIP B . 
E 4 HOH 18 75  75  HOH TIP B . 
E 4 HOH 19 77  77  HOH TIP B . 
E 4 HOH 20 79  79  HOH TIP B . 
E 4 HOH 21 80  80  HOH TIP B . 
E 4 HOH 22 81  81  HOH TIP B . 
E 4 HOH 23 82  82  HOH TIP B . 
E 4 HOH 24 83  83  HOH TIP B . 
E 4 HOH 25 86  86  HOH TIP B . 
E 4 HOH 26 89  89  HOH TIP B . 
E 4 HOH 27 90  90  HOH TIP B . 
E 4 HOH 28 92  92  HOH TIP B . 
E 4 HOH 29 93  93  HOH TIP B . 
E 4 HOH 30 94  94  HOH TIP B . 
E 4 HOH 31 96  96  HOH TIP B . 
E 4 HOH 32 98  98  HOH TIP B . 
E 4 HOH 33 99  99  HOH TIP B . 
E 4 HOH 34 101 101 HOH TIP B . 
E 4 HOH 35 104 104 HOH TIP B . 
E 4 HOH 36 105 105 HOH TIP B . 
E 4 HOH 37 111 111 HOH TIP B . 
E 4 HOH 38 113 113 HOH TIP B . 
E 4 HOH 39 114 114 HOH TIP B . 
E 4 HOH 40 117 26  HOH MO6 B . 
E 4 HOH 41 120 26  HOH MO6 B . 
# 
_pdbx_unobs_or_zero_occ_atoms.id               1 
_pdbx_unobs_or_zero_occ_atoms.PDB_model_num    1 
_pdbx_unobs_or_zero_occ_atoms.polymer_flag     Y 
_pdbx_unobs_or_zero_occ_atoms.occupancy_flag   1 
_pdbx_unobs_or_zero_occ_atoms.auth_asym_id     B 
_pdbx_unobs_or_zero_occ_atoms.auth_comp_id     DG 
_pdbx_unobs_or_zero_occ_atoms.auth_seq_id      24 
_pdbx_unobs_or_zero_occ_atoms.PDB_ins_code     ? 
_pdbx_unobs_or_zero_occ_atoms.auth_atom_id     "O3'" 
_pdbx_unobs_or_zero_occ_atoms.label_alt_id     ? 
_pdbx_unobs_or_zero_occ_atoms.label_asym_id    B 
_pdbx_unobs_or_zero_occ_atoms.label_comp_id    DG 
_pdbx_unobs_or_zero_occ_atoms.label_seq_id     12 
_pdbx_unobs_or_zero_occ_atoms.label_atom_id    "O3'" 
# 
loop_
_software.name 
_software.classification 
_software.version 
_software.citation_id 
_software.pdbx_ordinal 
_software.date 
_software.type 
_software.location 
_software.language 
DENZO     'data reduction' . ? 1 ? ? ? ? 
SCALEPACK 'data scaling'   . ? 2 ? ? ? ? 
CNS       refinement       . ? 3 ? ? ? ? 
CNS       phasing          . ? 4 ? ? ? ? 
# 
_cell.entry_id           1LP7 
_cell.length_a           25.083 
_cell.length_b           39.908 
_cell.length_c           66.469 
_cell.angle_alpha        90.00 
_cell.angle_beta         90.00 
_cell.angle_gamma        90.00 
_cell.Z_PDB              4 
_cell.pdbx_unique_axis   ? 
# 
_symmetry.entry_id                         1LP7 
_symmetry.space_group_name_H-M             'P 21 21 21' 
_symmetry.pdbx_full_space_group_name_H-M   ? 
_symmetry.cell_setting                     ? 
_symmetry.Int_Tables_number                19 
# 
_exptl.entry_id          1LP7 
_exptl.method            'X-RAY DIFFRACTION' 
_exptl.crystals_number   1 
# 
_exptl_crystal.id                    1 
_exptl_crystal.density_meas          ? 
_exptl_crystal.density_percent_sol   43.71 
_exptl_crystal.density_Matthews      2.18 
_exptl_crystal.description           ? 
_exptl_crystal.preparation           ? 
# 
_exptl_crystal_grow.crystal_id      1 
_exptl_crystal_grow.method          'VAPOR DIFFUSION, HANGING DROP' 
_exptl_crystal_grow.temp            ? 
_exptl_crystal_grow.temp_details    ? 
_exptl_crystal_grow.pH              6.5 
_exptl_crystal_grow.pdbx_details    
'MPD, sodium cacodylate, spermine, magnesium chloride, pH 6.5, VAPOR DIFFUSION, HANGING DROP, temperature 249K' 
_exptl_crystal_grow.pdbx_pH_range   . 
# 
loop_
_exptl_crystal_grow_comp.crystal_id 
_exptl_crystal_grow_comp.id 
_exptl_crystal_grow_comp.sol_id 
_exptl_crystal_grow_comp.name 
_exptl_crystal_grow_comp.conc 
_exptl_crystal_grow_comp.volume 
_exptl_crystal_grow_comp.details 
1 1 1 MPD                 ? ? ? 
1 2 1 'sodium cacodylate' ? ? ? 
1 3 1 spermine            ? ? ? 
1 4 1 MgCl2               ? ? ? 
# 
_diffrn.id                     1 
_diffrn.ambient_temp           100 
_diffrn.ambient_temp_details   ? 
_diffrn.crystal_id             1 
# 
_diffrn_detector.diffrn_id              1 
_diffrn_detector.detector               CCD 
_diffrn_detector.type                   'ADSC QUANTUM 4' 
_diffrn_detector.pdbx_collection_date   2001-11-10 
_diffrn_detector.details                ? 
# 
_diffrn_radiation.diffrn_id                        1 
_diffrn_radiation.wavelength_id                    1 
_diffrn_radiation.pdbx_monochromatic_or_laue_m_l   M 
_diffrn_radiation.monochromator                    'Diamond (111), Ge(220)' 
_diffrn_radiation.pdbx_diffrn_protocol             'SINGLE WAVELENGTH' 
_diffrn_radiation.pdbx_scattering_type             x-ray 
# 
_diffrn_radiation_wavelength.id           1 
_diffrn_radiation_wavelength.wavelength   0.934 
_diffrn_radiation_wavelength.wt           1.0 
# 
_diffrn_source.diffrn_id                   1 
_diffrn_source.source                      SYNCHROTRON 
_diffrn_source.type                        'ESRF BEAMLINE ID14-1' 
_diffrn_source.pdbx_synchrotron_site       ESRF 
_diffrn_source.pdbx_synchrotron_beamline   ID14-1 
_diffrn_source.pdbx_wavelength             ? 
_diffrn_source.pdbx_wavelength_list        0.934 
# 
_reflns.entry_id                     1LP7 
_reflns.observed_criterion_sigma_F   1.0 
_reflns.observed_criterion_sigma_I   1.0 
_reflns.d_resolution_high            2.4 
_reflns.d_resolution_low             99.0 
_reflns.number_all                   ? 
_reflns.number_obs                   2887 
_reflns.percent_possible_obs         99.0 
_reflns.pdbx_Rmerge_I_obs            0.061 
_reflns.pdbx_Rsym_value              ? 
_reflns.pdbx_netI_over_sigmaI        ? 
_reflns.B_iso_Wilson_estimate        ? 
_reflns.pdbx_redundancy              ? 
_reflns.R_free_details               ? 
_reflns.pdbx_diffrn_id               1 
_reflns.pdbx_ordinal                 1 
# 
_reflns_shell.d_res_high             2.40 
_reflns_shell.d_res_low              2.49 
_reflns_shell.percent_possible_all   97.9 
_reflns_shell.Rmerge_I_obs           0.104 
_reflns_shell.pdbx_Rsym_value        ? 
_reflns_shell.meanI_over_sigI_obs    ? 
_reflns_shell.pdbx_redundancy        ? 
_reflns_shell.percent_possible_obs   ? 
_reflns_shell.number_unique_all      282 
_reflns_shell.pdbx_diffrn_id         ? 
_reflns_shell.pdbx_ordinal           1 
# 
_refine.entry_id                                 1LP7 
_refine.ls_d_res_high                            2.4 
_refine.ls_d_res_low                             99.0 
_refine.pdbx_ls_sigma_F                          0.0 
_refine.pdbx_ls_sigma_I                          ? 
_refine.ls_number_reflns_all                     2799 
_refine.ls_number_reflns_obs                     2799 
_refine.ls_number_reflns_R_free                  259 
_refine.ls_percent_reflns_obs                    ? 
_refine.ls_R_factor_all                          ? 
_refine.ls_R_factor_obs                          ? 
_refine.ls_R_factor_R_work                       0.229 
_refine.ls_R_factor_R_free                       0.293 
_refine.ls_redundancy_reflns_obs                 ? 
_refine.pdbx_data_cutoff_high_absF               ? 
_refine.pdbx_data_cutoff_low_absF                ? 
_refine.ls_number_parameters                     ? 
_refine.ls_number_restraints                     ? 
_refine.ls_percent_reflns_R_free                 ? 
_refine.ls_R_factor_R_free_error                 ? 
_refine.ls_R_factor_R_free_error_details         ? 
_refine.pdbx_method_to_determine_struct          'MOLECULAR REPLACEMENT' 
_refine.pdbx_starting_model                      ? 
_refine.pdbx_ls_cross_valid_method               ? 
_refine.pdbx_R_Free_selection_details            RANDOM 
_refine.pdbx_stereochem_target_val_spec_case     ? 
_refine.pdbx_stereochemistry_target_values       
'G. Parkinson, J. Vojtechovsky, L. Clowney, A.T. Brunger, H.M. Berman,Acta Cryst. D, 52, 57-64 (1996).' 
_refine.solvent_model_details                    ? 
_refine.solvent_model_param_bsol                 ? 
_refine.solvent_model_param_ksol                 ? 
_refine.occupancy_max                            ? 
_refine.occupancy_min                            ? 
_refine.pdbx_isotropic_thermal_model             ? 
_refine.B_iso_mean                               ? 
_refine.aniso_B[1][1]                            ? 
_refine.aniso_B[1][2]                            ? 
_refine.aniso_B[1][3]                            ? 
_refine.aniso_B[2][2]                            ? 
_refine.aniso_B[2][3]                            ? 
_refine.aniso_B[3][3]                            ? 
_refine.details                                  ? 
_refine.correlation_coeff_Fo_to_Fc               ? 
_refine.correlation_coeff_Fo_to_Fc_free          ? 
_refine.pdbx_solvent_vdw_probe_radii             ? 
_refine.pdbx_solvent_ion_probe_radii             ? 
_refine.pdbx_solvent_shrinkage_radii             ? 
_refine.overall_SU_R_Cruickshank_DPI             ? 
_refine.overall_SU_R_free                        ? 
_refine.overall_SU_B                             ? 
_refine.overall_SU_ML                            ? 
_refine.pdbx_overall_ESU_R                       ? 
_refine.pdbx_overall_ESU_R_Free                  ? 
_refine.pdbx_data_cutoff_high_rms_absF           ? 
_refine.pdbx_refine_id                           'X-RAY DIFFRACTION' 
_refine.pdbx_diffrn_id                           1 
_refine.pdbx_TLS_residual_ADP_flag               ? 
_refine.pdbx_overall_phase_error                 ? 
_refine.pdbx_overall_SU_R_free_Cruickshank_DPI   ? 
_refine.pdbx_overall_SU_R_Blow_DPI               ? 
_refine.pdbx_overall_SU_R_free_Blow_DPI          ? 
# 
_refine_hist.pdbx_refine_id                   'X-RAY DIFFRACTION' 
_refine_hist.cycle_id                         LAST 
_refine_hist.pdbx_number_atoms_protein        0 
_refine_hist.pdbx_number_atoms_nucleic_acid   485 
_refine_hist.pdbx_number_atoms_ligand         7 
_refine_hist.number_atoms_solvent             88 
_refine_hist.number_atoms_total               580 
_refine_hist.d_res_high                       2.4 
_refine_hist.d_res_low                        99.0 
# 
_refine_ls_shell.pdbx_total_number_of_bins_used   ? 
_refine_ls_shell.d_res_high                       2.40 
_refine_ls_shell.d_res_low                        2.51 
_refine_ls_shell.number_reflns_R_work             ? 
_refine_ls_shell.R_factor_R_work                  0.375 
_refine_ls_shell.percent_reflns_obs               ? 
_refine_ls_shell.R_factor_R_free                  0.426 
_refine_ls_shell.R_factor_R_free_error            ? 
_refine_ls_shell.percent_reflns_R_free            ? 
_refine_ls_shell.number_reflns_R_free             35 
_refine_ls_shell.redundancy_reflns_obs            ? 
_refine_ls_shell.pdbx_refine_id                   'X-RAY DIFFRACTION' 
_refine_ls_shell.number_reflns_all                ? 
_refine_ls_shell.R_factor_all                     ? 
# 
_struct.entry_id                  1LP7 
_struct.title                     
;Crystal Structure of a Non-Self Complementary DNA Dodecamer Containing an A/T Tract: Analysis of the Effect of Crystal Environment on Local Helical Parameters
;
_struct.pdbx_model_details        ? 
_struct.pdbx_CASP_flag            ? 
_struct.pdbx_model_type_details   ? 
# 
_struct_keywords.entry_id        1LP7 
_struct_keywords.pdbx_keywords   DNA 
_struct_keywords.text            'DNA, A-TRACT, CRYSTAL ENVIRONMENT, LATTICE ENVIRONMENT, B-DNA, DODECAMER, CRYSTAL, DUPLEX' 
# 
loop_
_struct_asym.id 
_struct_asym.pdbx_blank_PDB_chainid_flag 
_struct_asym.pdbx_modified 
_struct_asym.entity_id 
_struct_asym.details 
A N N 1 ? 
B N N 2 ? 
C N N 3 ? 
D N N 4 ? 
E N N 4 ? 
# 
loop_
_struct_ref.id 
_struct_ref.entity_id 
_struct_ref.db_name 
_struct_ref.db_code 
_struct_ref.pdbx_db_accession 
_struct_ref.pdbx_db_isoform 
_struct_ref.pdbx_seq_one_letter_code 
_struct_ref.pdbx_align_begin 
1 1 PDB 1LP7 1LP7 ? ? ? 
2 2 PDB 1LP7 1LP7 ? ? ? 
# 
loop_
_struct_ref_seq.align_id 
_struct_ref_seq.ref_id 
_struct_ref_seq.pdbx_PDB_id_code 
_struct_ref_seq.pdbx_strand_id 
_struct_ref_seq.seq_align_beg 
_struct_ref_seq.pdbx_seq_align_beg_ins_code 
_struct_ref_seq.seq_align_end 
_struct_ref_seq.pdbx_seq_align_end_ins_code 
_struct_ref_seq.pdbx_db_accession 
_struct_ref_seq.db_align_beg 
_struct_ref_seq.pdbx_db_align_beg_ins_code 
_struct_ref_seq.db_align_end 
_struct_ref_seq.pdbx_db_align_end_ins_code 
_struct_ref_seq.pdbx_auth_seq_align_beg 
_struct_ref_seq.pdbx_auth_seq_align_end 
1 1 1LP7 A 1 ? 12 ? 1LP7 1  ? 12 ? 1  12 
2 2 1LP7 B 1 ? 12 ? 1LP7 13 ? 24 ? 13 24 
# 
_pdbx_struct_assembly.id                   1 
_pdbx_struct_assembly.details              author_defined_assembly 
_pdbx_struct_assembly.method_details       ? 
_pdbx_struct_assembly.oligomeric_details   dimeric 
_pdbx_struct_assembly.oligomeric_count     2 
# 
_pdbx_struct_assembly_gen.assembly_id       1 
_pdbx_struct_assembly_gen.oper_expression   1 
_pdbx_struct_assembly_gen.asym_id_list      A,B,C,D,E 
# 
_pdbx_struct_oper_list.id                   1 
_pdbx_struct_oper_list.type                 'identity operation' 
_pdbx_struct_oper_list.name                 1_555 
_pdbx_struct_oper_list.symmetry_operation   x,y,z 
_pdbx_struct_oper_list.matrix[1][1]         1.0000000000 
_pdbx_struct_oper_list.matrix[1][2]         0.0000000000 
_pdbx_struct_oper_list.matrix[1][3]         0.0000000000 
_pdbx_struct_oper_list.vector[1]            0.0000000000 
_pdbx_struct_oper_list.matrix[2][1]         0.0000000000 
_pdbx_struct_oper_list.matrix[2][2]         1.0000000000 
_pdbx_struct_oper_list.matrix[2][3]         0.0000000000 
_pdbx_struct_oper_list.vector[2]            0.0000000000 
_pdbx_struct_oper_list.matrix[3][1]         0.0000000000 
_pdbx_struct_oper_list.matrix[3][2]         0.0000000000 
_pdbx_struct_oper_list.matrix[3][3]         1.0000000000 
_pdbx_struct_oper_list.vector[3]            0.0000000000 
# 
loop_
_struct_conn.id 
_struct_conn.conn_type_id 
_struct_conn.pdbx_leaving_atom_flag 
_struct_conn.pdbx_PDB_id 
_struct_conn.ptnr1_label_asym_id 
_struct_conn.ptnr1_label_comp_id 
_struct_conn.ptnr1_label_seq_id 
_struct_conn.ptnr1_label_atom_id 
_struct_conn.pdbx_ptnr1_label_alt_id 
_struct_conn.pdbx_ptnr1_PDB_ins_code 
_struct_conn.pdbx_ptnr1_standard_comp_id 
_struct_conn.ptnr1_symmetry 
_struct_conn.ptnr2_label_asym_id 
_struct_conn.ptnr2_label_comp_id 
_struct_conn.ptnr2_label_seq_id 
_struct_conn.ptnr2_label_atom_id 
_struct_conn.pdbx_ptnr2_label_alt_id 
_struct_conn.pdbx_ptnr2_PDB_ins_code 
_struct_conn.ptnr1_auth_asym_id 
_struct_conn.ptnr1_auth_comp_id 
_struct_conn.ptnr1_auth_seq_id 
_struct_conn.ptnr2_auth_asym_id 
_struct_conn.ptnr2_auth_comp_id 
_struct_conn.ptnr2_auth_seq_id 
_struct_conn.ptnr2_symmetry 
_struct_conn.pdbx_ptnr3_label_atom_id 
_struct_conn.pdbx_ptnr3_label_seq_id 
_struct_conn.pdbx_ptnr3_label_comp_id 
_struct_conn.pdbx_ptnr3_label_asym_id 
_struct_conn.pdbx_ptnr3_label_alt_id 
_struct_conn.pdbx_ptnr3_PDB_ins_code 
_struct_conn.details 
_struct_conn.pdbx_dist_value 
_struct_conn.pdbx_value_order 
_struct_conn.pdbx_role 
metalc1  metalc ? ? C MG .  MG ? ? ? 1_555 D HOH .  O  ? ? A MG 26 A HOH 115 1_555 ? ? ? ? ? ? ?            2.055 ? ? 
metalc2  metalc ? ? C MG .  MG ? ? ? 1_555 D HOH .  O  ? ? A MG 26 A HOH 116 1_555 ? ? ? ? ? ? ?            2.051 ? ? 
metalc3  metalc ? ? C MG .  MG ? ? ? 1_555 D HOH .  O  ? ? A MG 26 A HOH 118 1_555 ? ? ? ? ? ? ?            2.073 ? ? 
metalc4  metalc ? ? C MG .  MG ? ? ? 1_555 D HOH .  O  ? ? A MG 26 A HOH 119 1_555 ? ? ? ? ? ? ?            2.070 ? ? 
metalc5  metalc ? ? C MG .  MG ? ? ? 1_555 E HOH .  O  ? ? A MG 26 B HOH 117 1_555 ? ? ? ? ? ? ?            2.069 ? ? 
metalc6  metalc ? ? C MG .  MG ? ? ? 1_555 E HOH .  O  ? ? A MG 26 B HOH 120 1_555 ? ? ? ? ? ? ?            2.081 ? ? 
hydrog1  hydrog ? ? A DC 1  N3 ? ? ? 1_555 B DG  12 N1 ? ? A DC 1  B DG  24  1_555 ? ? ? ? ? ? WATSON-CRICK ?     ? ? 
hydrog2  hydrog ? ? A DC 1  N4 ? ? ? 1_555 B DG  12 O6 ? ? A DC 1  B DG  24  1_555 ? ? ? ? ? ? WATSON-CRICK ?     ? ? 
hydrog3  hydrog ? ? A DC 1  O2 ? ? ? 1_555 B DG  12 N2 ? ? A DC 1  B DG  24  1_555 ? ? ? ? ? ? WATSON-CRICK ?     ? ? 
hydrog4  hydrog ? ? A DG 2  N1 ? ? ? 1_555 B DC  11 N3 ? ? A DG 2  B DC  23  1_555 ? ? ? ? ? ? WATSON-CRICK ?     ? ? 
hydrog5  hydrog ? ? A DG 2  N2 ? ? ? 1_555 B DC  11 O2 ? ? A DG 2  B DC  23  1_555 ? ? ? ? ? ? WATSON-CRICK ?     ? ? 
hydrog6  hydrog ? ? A DG 2  O6 ? ? ? 1_555 B DC  11 N4 ? ? A DG 2  B DC  23  1_555 ? ? ? ? ? ? WATSON-CRICK ?     ? ? 
hydrog7  hydrog ? ? A DC 3  N3 ? ? ? 1_555 B DG  10 N1 ? ? A DC 3  B DG  22  1_555 ? ? ? ? ? ? WATSON-CRICK ?     ? ? 
hydrog8  hydrog ? ? A DC 3  N4 ? ? ? 1_555 B DG  10 O6 ? ? A DC 3  B DG  22  1_555 ? ? ? ? ? ? WATSON-CRICK ?     ? ? 
hydrog9  hydrog ? ? A DC 3  O2 ? ? ? 1_555 B DG  10 N2 ? ? A DC 3  B DG  22  1_555 ? ? ? ? ? ? WATSON-CRICK ?     ? ? 
hydrog10 hydrog ? ? A DT 4  N3 ? ? ? 1_555 B DA  9  N1 ? ? A DT 4  B DA  21  1_555 ? ? ? ? ? ? WATSON-CRICK ?     ? ? 
hydrog11 hydrog ? ? A DT 4  O4 ? ? ? 1_555 B DA  9  N6 ? ? A DT 4  B DA  21  1_555 ? ? ? ? ? ? WATSON-CRICK ?     ? ? 
hydrog12 hydrog ? ? A DT 5  N3 ? ? ? 1_555 B DA  8  N1 ? ? A DT 5  B DA  20  1_555 ? ? ? ? ? ? WATSON-CRICK ?     ? ? 
hydrog13 hydrog ? ? A DT 5  O4 ? ? ? 1_555 B DA  8  N6 ? ? A DT 5  B DA  20  1_555 ? ? ? ? ? ? WATSON-CRICK ?     ? ? 
hydrog14 hydrog ? ? A DA 6  N1 ? ? ? 1_555 B DT  7  N3 ? ? A DA 6  B DT  19  1_555 ? ? ? ? ? ? WATSON-CRICK ?     ? ? 
hydrog15 hydrog ? ? A DA 6  N6 ? ? ? 1_555 B DT  7  O4 ? ? A DA 6  B DT  19  1_555 ? ? ? ? ? ? WATSON-CRICK ?     ? ? 
hydrog16 hydrog ? ? A DT 7  N3 ? ? ? 1_555 B DA  6  N1 ? ? A DT 7  B DA  18  1_555 ? ? ? ? ? ? WATSON-CRICK ?     ? ? 
hydrog17 hydrog ? ? A DT 7  O4 ? ? ? 1_555 B DA  6  N6 ? ? A DT 7  B DA  18  1_555 ? ? ? ? ? ? WATSON-CRICK ?     ? ? 
hydrog18 hydrog ? ? A DA 8  N1 ? ? ? 1_555 B DT  5  N3 ? ? A DA 8  B DT  17  1_555 ? ? ? ? ? ? WATSON-CRICK ?     ? ? 
hydrog19 hydrog ? ? A DA 8  N6 ? ? ? 1_555 B DT  5  O4 ? ? A DA 8  B DT  17  1_555 ? ? ? ? ? ? WATSON-CRICK ?     ? ? 
hydrog20 hydrog ? ? A DT 9  N3 ? ? ? 1_555 B DA  4  N1 ? ? A DT 9  B DA  16  1_555 ? ? ? ? ? ? WATSON-CRICK ?     ? ? 
hydrog21 hydrog ? ? A DT 9  O4 ? ? ? 1_555 B DA  4  N6 ? ? A DT 9  B DA  16  1_555 ? ? ? ? ? ? WATSON-CRICK ?     ? ? 
hydrog22 hydrog ? ? A DG 10 N1 ? ? ? 1_555 B DC  3  N3 ? ? A DG 10 B DC  15  1_555 ? ? ? ? ? ? WATSON-CRICK ?     ? ? 
hydrog23 hydrog ? ? A DG 10 N2 ? ? ? 1_555 B DC  3  O2 ? ? A DG 10 B DC  15  1_555 ? ? ? ? ? ? WATSON-CRICK ?     ? ? 
hydrog24 hydrog ? ? A DG 10 O6 ? ? ? 1_555 B DC  3  N4 ? ? A DG 10 B DC  15  1_555 ? ? ? ? ? ? WATSON-CRICK ?     ? ? 
hydrog25 hydrog ? ? A DC 11 N3 ? ? ? 1_555 B DG  2  N1 ? ? A DC 11 B DG  14  1_555 ? ? ? ? ? ? WATSON-CRICK ?     ? ? 
hydrog26 hydrog ? ? A DC 11 N4 ? ? ? 1_555 B DG  2  O6 ? ? A DC 11 B DG  14  1_555 ? ? ? ? ? ? WATSON-CRICK ?     ? ? 
hydrog27 hydrog ? ? A DC 11 O2 ? ? ? 1_555 B DG  2  N2 ? ? A DC 11 B DG  14  1_555 ? ? ? ? ? ? WATSON-CRICK ?     ? ? 
hydrog28 hydrog ? ? A DG 12 N1 ? ? ? 1_555 B DC  1  N3 ? ? A DG 12 B DC  13  1_555 ? ? ? ? ? ? WATSON-CRICK ?     ? ? 
hydrog29 hydrog ? ? A DG 12 N2 ? ? ? 1_555 B DC  1  O2 ? ? A DG 12 B DC  13  1_555 ? ? ? ? ? ? WATSON-CRICK ?     ? ? 
hydrog30 hydrog ? ? A DG 12 O6 ? ? ? 1_555 B DC  1  N4 ? ? A DG 12 B DC  13  1_555 ? ? ? ? ? ? WATSON-CRICK ?     ? ? 
# 
loop_
_struct_conn_type.id 
_struct_conn_type.criteria 
_struct_conn_type.reference 
metalc ? ? 
hydrog ? ? 
# 
loop_
_pdbx_struct_conn_angle.id 
_pdbx_struct_conn_angle.ptnr1_label_atom_id 
_pdbx_struct_conn_angle.ptnr1_label_alt_id 
_pdbx_struct_conn_angle.ptnr1_label_asym_id 
_pdbx_struct_conn_angle.ptnr1_label_comp_id 
_pdbx_struct_conn_angle.ptnr1_label_seq_id 
_pdbx_struct_conn_angle.ptnr1_auth_atom_id 
_pdbx_struct_conn_angle.ptnr1_auth_asym_id 
_pdbx_struct_conn_angle.ptnr1_auth_comp_id 
_pdbx_struct_conn_angle.ptnr1_auth_seq_id 
_pdbx_struct_conn_angle.ptnr1_PDB_ins_code 
_pdbx_struct_conn_angle.ptnr1_symmetry 
_pdbx_struct_conn_angle.ptnr2_label_atom_id 
_pdbx_struct_conn_angle.ptnr2_label_alt_id 
_pdbx_struct_conn_angle.ptnr2_label_asym_id 
_pdbx_struct_conn_angle.ptnr2_label_comp_id 
_pdbx_struct_conn_angle.ptnr2_label_seq_id 
_pdbx_struct_conn_angle.ptnr2_auth_atom_id 
_pdbx_struct_conn_angle.ptnr2_auth_asym_id 
_pdbx_struct_conn_angle.ptnr2_auth_comp_id 
_pdbx_struct_conn_angle.ptnr2_auth_seq_id 
_pdbx_struct_conn_angle.ptnr2_PDB_ins_code 
_pdbx_struct_conn_angle.ptnr2_symmetry 
_pdbx_struct_conn_angle.ptnr3_label_atom_id 
_pdbx_struct_conn_angle.ptnr3_label_alt_id 
_pdbx_struct_conn_angle.ptnr3_label_asym_id 
_pdbx_struct_conn_angle.ptnr3_label_comp_id 
_pdbx_struct_conn_angle.ptnr3_label_seq_id 
_pdbx_struct_conn_angle.ptnr3_auth_atom_id 
_pdbx_struct_conn_angle.ptnr3_auth_asym_id 
_pdbx_struct_conn_angle.ptnr3_auth_comp_id 
_pdbx_struct_conn_angle.ptnr3_auth_seq_id 
_pdbx_struct_conn_angle.ptnr3_PDB_ins_code 
_pdbx_struct_conn_angle.ptnr3_symmetry 
_pdbx_struct_conn_angle.value 
_pdbx_struct_conn_angle.value_esd 
1  O ? D HOH . ? A HOH 115 ? 1_555 MG ? C MG . ? A MG 26 ? 1_555 O ? D HOH . ? A HOH 116 ? 1_555 90.7  ? 
2  O ? D HOH . ? A HOH 115 ? 1_555 MG ? C MG . ? A MG 26 ? 1_555 O ? D HOH . ? A HOH 118 ? 1_555 88.7  ? 
3  O ? D HOH . ? A HOH 116 ? 1_555 MG ? C MG . ? A MG 26 ? 1_555 O ? D HOH . ? A HOH 118 ? 1_555 178.5 ? 
4  O ? D HOH . ? A HOH 115 ? 1_555 MG ? C MG . ? A MG 26 ? 1_555 O ? D HOH . ? A HOH 119 ? 1_555 89.4  ? 
5  O ? D HOH . ? A HOH 116 ? 1_555 MG ? C MG . ? A MG 26 ? 1_555 O ? D HOH . ? A HOH 119 ? 1_555 87.7  ? 
6  O ? D HOH . ? A HOH 118 ? 1_555 MG ? C MG . ? A MG 26 ? 1_555 O ? D HOH . ? A HOH 119 ? 1_555 91.0  ? 
7  O ? D HOH . ? A HOH 115 ? 1_555 MG ? C MG . ? A MG 26 ? 1_555 O ? E HOH . ? B HOH 117 ? 1_555 178.9 ? 
8  O ? D HOH . ? A HOH 116 ? 1_555 MG ? C MG . ? A MG 26 ? 1_555 O ? E HOH . ? B HOH 117 ? 1_555 90.3  ? 
9  O ? D HOH . ? A HOH 118 ? 1_555 MG ? C MG . ? A MG 26 ? 1_555 O ? E HOH . ? B HOH 117 ? 1_555 90.3  ? 
10 O ? D HOH . ? A HOH 119 ? 1_555 MG ? C MG . ? A MG 26 ? 1_555 O ? E HOH . ? B HOH 117 ? 1_555 91.3  ? 
11 O ? D HOH . ? A HOH 115 ? 1_555 MG ? C MG . ? A MG 26 ? 1_555 O ? E HOH . ? B HOH 120 ? 1_555 91.3  ? 
12 O ? D HOH . ? A HOH 116 ? 1_555 MG ? C MG . ? A MG 26 ? 1_555 O ? E HOH . ? B HOH 120 ? 1_555 91.1  ? 
13 O ? D HOH . ? A HOH 118 ? 1_555 MG ? C MG . ? A MG 26 ? 1_555 O ? E HOH . ? B HOH 120 ? 1_555 90.2  ? 
14 O ? D HOH . ? A HOH 119 ? 1_555 MG ? C MG . ? A MG 26 ? 1_555 O ? E HOH . ? B HOH 120 ? 1_555 178.6 ? 
15 O ? E HOH . ? B HOH 117 ? 1_555 MG ? C MG . ? A MG 26 ? 1_555 O ? E HOH . ? B HOH 120 ? 1_555 88.1  ? 
# 
_struct_site.id                   AC1 
_struct_site.pdbx_evidence_code   Software 
_struct_site.pdbx_auth_asym_id    A 
_struct_site.pdbx_auth_comp_id    MG 
_struct_site.pdbx_auth_seq_id     26 
_struct_site.pdbx_auth_ins_code   ? 
_struct_site.pdbx_num_residues    6 
_struct_site.details              'BINDING SITE FOR RESIDUE MG A 26' 
# 
loop_
_struct_site_gen.id 
_struct_site_gen.site_id 
_struct_site_gen.pdbx_num_res 
_struct_site_gen.label_comp_id 
_struct_site_gen.label_asym_id 
_struct_site_gen.label_seq_id 
_struct_site_gen.pdbx_auth_ins_code 
_struct_site_gen.auth_comp_id 
_struct_site_gen.auth_asym_id 
_struct_site_gen.auth_seq_id 
_struct_site_gen.label_atom_id 
_struct_site_gen.label_alt_id 
_struct_site_gen.symmetry 
_struct_site_gen.details 
1 AC1 6 HOH D . ? HOH A 115 . ? 1_555 ? 
2 AC1 6 HOH D . ? HOH A 116 . ? 1_555 ? 
3 AC1 6 HOH D . ? HOH A 118 . ? 1_555 ? 
4 AC1 6 HOH D . ? HOH A 119 . ? 1_555 ? 
5 AC1 6 HOH E . ? HOH B 117 . ? 1_555 ? 
6 AC1 6 HOH E . ? HOH B 120 . ? 1_555 ? 
# 
loop_
_chem_comp_atom.comp_id 
_chem_comp_atom.atom_id 
_chem_comp_atom.type_symbol 
_chem_comp_atom.pdbx_aromatic_flag 
_chem_comp_atom.pdbx_stereo_config 
_chem_comp_atom.pdbx_ordinal 
DA  OP3    O  N N 1   
DA  P      P  N N 2   
DA  OP1    O  N N 3   
DA  OP2    O  N N 4   
DA  "O5'"  O  N N 5   
DA  "C5'"  C  N N 6   
DA  "C4'"  C  N R 7   
DA  "O4'"  O  N N 8   
DA  "C3'"  C  N S 9   
DA  "O3'"  O  N N 10  
DA  "C2'"  C  N N 11  
DA  "C1'"  C  N R 12  
DA  N9     N  Y N 13  
DA  C8     C  Y N 14  
DA  N7     N  Y N 15  
DA  C5     C  Y N 16  
DA  C6     C  Y N 17  
DA  N6     N  N N 18  
DA  N1     N  Y N 19  
DA  C2     C  Y N 20  
DA  N3     N  Y N 21  
DA  C4     C  Y N 22  
DA  HOP3   H  N N 23  
DA  HOP2   H  N N 24  
DA  "H5'"  H  N N 25  
DA  "H5''" H  N N 26  
DA  "H4'"  H  N N 27  
DA  "H3'"  H  N N 28  
DA  "HO3'" H  N N 29  
DA  "H2'"  H  N N 30  
DA  "H2''" H  N N 31  
DA  "H1'"  H  N N 32  
DA  H8     H  N N 33  
DA  H61    H  N N 34  
DA  H62    H  N N 35  
DA  H2     H  N N 36  
DC  OP3    O  N N 37  
DC  P      P  N N 38  
DC  OP1    O  N N 39  
DC  OP2    O  N N 40  
DC  "O5'"  O  N N 41  
DC  "C5'"  C  N N 42  
DC  "C4'"  C  N R 43  
DC  "O4'"  O  N N 44  
DC  "C3'"  C  N S 45  
DC  "O3'"  O  N N 46  
DC  "C2'"  C  N N 47  
DC  "C1'"  C  N R 48  
DC  N1     N  N N 49  
DC  C2     C  N N 50  
DC  O2     O  N N 51  
DC  N3     N  N N 52  
DC  C4     C  N N 53  
DC  N4     N  N N 54  
DC  C5     C  N N 55  
DC  C6     C  N N 56  
DC  HOP3   H  N N 57  
DC  HOP2   H  N N 58  
DC  "H5'"  H  N N 59  
DC  "H5''" H  N N 60  
DC  "H4'"  H  N N 61  
DC  "H3'"  H  N N 62  
DC  "HO3'" H  N N 63  
DC  "H2'"  H  N N 64  
DC  "H2''" H  N N 65  
DC  "H1'"  H  N N 66  
DC  H41    H  N N 67  
DC  H42    H  N N 68  
DC  H5     H  N N 69  
DC  H6     H  N N 70  
DG  OP3    O  N N 71  
DG  P      P  N N 72  
DG  OP1    O  N N 73  
DG  OP2    O  N N 74  
DG  "O5'"  O  N N 75  
DG  "C5'"  C  N N 76  
DG  "C4'"  C  N R 77  
DG  "O4'"  O  N N 78  
DG  "C3'"  C  N S 79  
DG  "O3'"  O  N N 80  
DG  "C2'"  C  N N 81  
DG  "C1'"  C  N R 82  
DG  N9     N  Y N 83  
DG  C8     C  Y N 84  
DG  N7     N  Y N 85  
DG  C5     C  Y N 86  
DG  C6     C  N N 87  
DG  O6     O  N N 88  
DG  N1     N  N N 89  
DG  C2     C  N N 90  
DG  N2     N  N N 91  
DG  N3     N  N N 92  
DG  C4     C  Y N 93  
DG  HOP3   H  N N 94  
DG  HOP2   H  N N 95  
DG  "H5'"  H  N N 96  
DG  "H5''" H  N N 97  
DG  "H4'"  H  N N 98  
DG  "H3'"  H  N N 99  
DG  "HO3'" H  N N 100 
DG  "H2'"  H  N N 101 
DG  "H2''" H  N N 102 
DG  "H1'"  H  N N 103 
DG  H8     H  N N 104 
DG  H1     H  N N 105 
DG  H21    H  N N 106 
DG  H22    H  N N 107 
DT  OP3    O  N N 108 
DT  P      P  N N 109 
DT  OP1    O  N N 110 
DT  OP2    O  N N 111 
DT  "O5'"  O  N N 112 
DT  "C5'"  C  N N 113 
DT  "C4'"  C  N R 114 
DT  "O4'"  O  N N 115 
DT  "C3'"  C  N S 116 
DT  "O3'"  O  N N 117 
DT  "C2'"  C  N N 118 
DT  "C1'"  C  N R 119 
DT  N1     N  N N 120 
DT  C2     C  N N 121 
DT  O2     O  N N 122 
DT  N3     N  N N 123 
DT  C4     C  N N 124 
DT  O4     O  N N 125 
DT  C5     C  N N 126 
DT  C7     C  N N 127 
DT  C6     C  N N 128 
DT  HOP3   H  N N 129 
DT  HOP2   H  N N 130 
DT  "H5'"  H  N N 131 
DT  "H5''" H  N N 132 
DT  "H4'"  H  N N 133 
DT  "H3'"  H  N N 134 
DT  "HO3'" H  N N 135 
DT  "H2'"  H  N N 136 
DT  "H2''" H  N N 137 
DT  "H1'"  H  N N 138 
DT  H3     H  N N 139 
DT  H71    H  N N 140 
DT  H72    H  N N 141 
DT  H73    H  N N 142 
DT  H6     H  N N 143 
HOH O      O  N N 144 
HOH H1     H  N N 145 
HOH H2     H  N N 146 
MG  MG     MG N N 147 
# 
loop_
_chem_comp_bond.comp_id 
_chem_comp_bond.atom_id_1 
_chem_comp_bond.atom_id_2 
_chem_comp_bond.value_order 
_chem_comp_bond.pdbx_aromatic_flag 
_chem_comp_bond.pdbx_stereo_config 
_chem_comp_bond.pdbx_ordinal 
DA  OP3   P      sing N N 1   
DA  OP3   HOP3   sing N N 2   
DA  P     OP1    doub N N 3   
DA  P     OP2    sing N N 4   
DA  P     "O5'"  sing N N 5   
DA  OP2   HOP2   sing N N 6   
DA  "O5'" "C5'"  sing N N 7   
DA  "C5'" "C4'"  sing N N 8   
DA  "C5'" "H5'"  sing N N 9   
DA  "C5'" "H5''" sing N N 10  
DA  "C4'" "O4'"  sing N N 11  
DA  "C4'" "C3'"  sing N N 12  
DA  "C4'" "H4'"  sing N N 13  
DA  "O4'" "C1'"  sing N N 14  
DA  "C3'" "O3'"  sing N N 15  
DA  "C3'" "C2'"  sing N N 16  
DA  "C3'" "H3'"  sing N N 17  
DA  "O3'" "HO3'" sing N N 18  
DA  "C2'" "C1'"  sing N N 19  
DA  "C2'" "H2'"  sing N N 20  
DA  "C2'" "H2''" sing N N 21  
DA  "C1'" N9     sing N N 22  
DA  "C1'" "H1'"  sing N N 23  
DA  N9    C8     sing Y N 24  
DA  N9    C4     sing Y N 25  
DA  C8    N7     doub Y N 26  
DA  C8    H8     sing N N 27  
DA  N7    C5     sing Y N 28  
DA  C5    C6     sing Y N 29  
DA  C5    C4     doub Y N 30  
DA  C6    N6     sing N N 31  
DA  C6    N1     doub Y N 32  
DA  N6    H61    sing N N 33  
DA  N6    H62    sing N N 34  
DA  N1    C2     sing Y N 35  
DA  C2    N3     doub Y N 36  
DA  C2    H2     sing N N 37  
DA  N3    C4     sing Y N 38  
DC  OP3   P      sing N N 39  
DC  OP3   HOP3   sing N N 40  
DC  P     OP1    doub N N 41  
DC  P     OP2    sing N N 42  
DC  P     "O5'"  sing N N 43  
DC  OP2   HOP2   sing N N 44  
DC  "O5'" "C5'"  sing N N 45  
DC  "C5'" "C4'"  sing N N 46  
DC  "C5'" "H5'"  sing N N 47  
DC  "C5'" "H5''" sing N N 48  
DC  "C4'" "O4'"  sing N N 49  
DC  "C4'" "C3'"  sing N N 50  
DC  "C4'" "H4'"  sing N N 51  
DC  "O4'" "C1'"  sing N N 52  
DC  "C3'" "O3'"  sing N N 53  
DC  "C3'" "C2'"  sing N N 54  
DC  "C3'" "H3'"  sing N N 55  
DC  "O3'" "HO3'" sing N N 56  
DC  "C2'" "C1'"  sing N N 57  
DC  "C2'" "H2'"  sing N N 58  
DC  "C2'" "H2''" sing N N 59  
DC  "C1'" N1     sing N N 60  
DC  "C1'" "H1'"  sing N N 61  
DC  N1    C2     sing N N 62  
DC  N1    C6     sing N N 63  
DC  C2    O2     doub N N 64  
DC  C2    N3     sing N N 65  
DC  N3    C4     doub N N 66  
DC  C4    N4     sing N N 67  
DC  C4    C5     sing N N 68  
DC  N4    H41    sing N N 69  
DC  N4    H42    sing N N 70  
DC  C5    C6     doub N N 71  
DC  C5    H5     sing N N 72  
DC  C6    H6     sing N N 73  
DG  OP3   P      sing N N 74  
DG  OP3   HOP3   sing N N 75  
DG  P     OP1    doub N N 76  
DG  P     OP2    sing N N 77  
DG  P     "O5'"  sing N N 78  
DG  OP2   HOP2   sing N N 79  
DG  "O5'" "C5'"  sing N N 80  
DG  "C5'" "C4'"  sing N N 81  
DG  "C5'" "H5'"  sing N N 82  
DG  "C5'" "H5''" sing N N 83  
DG  "C4'" "O4'"  sing N N 84  
DG  "C4'" "C3'"  sing N N 85  
DG  "C4'" "H4'"  sing N N 86  
DG  "O4'" "C1'"  sing N N 87  
DG  "C3'" "O3'"  sing N N 88  
DG  "C3'" "C2'"  sing N N 89  
DG  "C3'" "H3'"  sing N N 90  
DG  "O3'" "HO3'" sing N N 91  
DG  "C2'" "C1'"  sing N N 92  
DG  "C2'" "H2'"  sing N N 93  
DG  "C2'" "H2''" sing N N 94  
DG  "C1'" N9     sing N N 95  
DG  "C1'" "H1'"  sing N N 96  
DG  N9    C8     sing Y N 97  
DG  N9    C4     sing Y N 98  
DG  C8    N7     doub Y N 99  
DG  C8    H8     sing N N 100 
DG  N7    C5     sing Y N 101 
DG  C5    C6     sing N N 102 
DG  C5    C4     doub Y N 103 
DG  C6    O6     doub N N 104 
DG  C6    N1     sing N N 105 
DG  N1    C2     sing N N 106 
DG  N1    H1     sing N N 107 
DG  C2    N2     sing N N 108 
DG  C2    N3     doub N N 109 
DG  N2    H21    sing N N 110 
DG  N2    H22    sing N N 111 
DG  N3    C4     sing N N 112 
DT  OP3   P      sing N N 113 
DT  OP3   HOP3   sing N N 114 
DT  P     OP1    doub N N 115 
DT  P     OP2    sing N N 116 
DT  P     "O5'"  sing N N 117 
DT  OP2   HOP2   sing N N 118 
DT  "O5'" "C5'"  sing N N 119 
DT  "C5'" "C4'"  sing N N 120 
DT  "C5'" "H5'"  sing N N 121 
DT  "C5'" "H5''" sing N N 122 
DT  "C4'" "O4'"  sing N N 123 
DT  "C4'" "C3'"  sing N N 124 
DT  "C4'" "H4'"  sing N N 125 
DT  "O4'" "C1'"  sing N N 126 
DT  "C3'" "O3'"  sing N N 127 
DT  "C3'" "C2'"  sing N N 128 
DT  "C3'" "H3'"  sing N N 129 
DT  "O3'" "HO3'" sing N N 130 
DT  "C2'" "C1'"  sing N N 131 
DT  "C2'" "H2'"  sing N N 132 
DT  "C2'" "H2''" sing N N 133 
DT  "C1'" N1     sing N N 134 
DT  "C1'" "H1'"  sing N N 135 
DT  N1    C2     sing N N 136 
DT  N1    C6     sing N N 137 
DT  C2    O2     doub N N 138 
DT  C2    N3     sing N N 139 
DT  N3    C4     sing N N 140 
DT  N3    H3     sing N N 141 
DT  C4    O4     doub N N 142 
DT  C4    C5     sing N N 143 
DT  C5    C7     sing N N 144 
DT  C5    C6     doub N N 145 
DT  C7    H71    sing N N 146 
DT  C7    H72    sing N N 147 
DT  C7    H73    sing N N 148 
DT  C6    H6     sing N N 149 
HOH O     H1     sing N N 150 
HOH O     H2     sing N N 151 
# 
_ndb_struct_conf_na.entry_id   1LP7 
_ndb_struct_conf_na.feature    'b-form double helix' 
# 
loop_
_ndb_struct_na_base_pair.model_number 
_ndb_struct_na_base_pair.i_label_asym_id 
_ndb_struct_na_base_pair.i_label_comp_id 
_ndb_struct_na_base_pair.i_label_seq_id 
_ndb_struct_na_base_pair.i_symmetry 
_ndb_struct_na_base_pair.j_label_asym_id 
_ndb_struct_na_base_pair.j_label_comp_id 
_ndb_struct_na_base_pair.j_label_seq_id 
_ndb_struct_na_base_pair.j_symmetry 
_ndb_struct_na_base_pair.shear 
_ndb_struct_na_base_pair.stretch 
_ndb_struct_na_base_pair.stagger 
_ndb_struct_na_base_pair.buckle 
_ndb_struct_na_base_pair.propeller 
_ndb_struct_na_base_pair.opening 
_ndb_struct_na_base_pair.pair_number 
_ndb_struct_na_base_pair.pair_name 
_ndb_struct_na_base_pair.i_auth_asym_id 
_ndb_struct_na_base_pair.i_auth_seq_id 
_ndb_struct_na_base_pair.i_PDB_ins_code 
_ndb_struct_na_base_pair.j_auth_asym_id 
_ndb_struct_na_base_pair.j_auth_seq_id 
_ndb_struct_na_base_pair.j_PDB_ins_code 
_ndb_struct_na_base_pair.hbond_type_28 
_ndb_struct_na_base_pair.hbond_type_12 
1 A DC 1  1_555 B DG 12 1_555 0.049  -0.187 0.018  4.870   -13.261 -3.144 1  A_DC1:DG24_B  A 1  ? B 24 ? 19 1 
1 A DG 2  1_555 B DC 11 1_555 -0.335 -0.225 0.000  -1.120  -10.499 -3.495 2  A_DG2:DC23_B  A 2  ? B 23 ? 19 1 
1 A DC 3  1_555 B DG 10 1_555 -0.024 -0.248 0.093  -0.902  -6.798  -3.413 3  A_DC3:DG22_B  A 3  ? B 22 ? 19 1 
1 A DT 4  1_555 B DA 9  1_555 -0.979 -0.233 0.107  10.625  -9.870  3.620  4  A_DT4:DA21_B  A 4  ? B 21 ? 20 1 
1 A DT 5  1_555 B DA 8  1_555 -0.077 0.088  0.038  10.104  -12.784 2.818  5  A_DT5:DA20_B  A 5  ? B 20 ? 20 1 
1 A DA 6  1_555 B DT 7  1_555 0.568  0.051  0.109  -2.083  -12.549 7.079  6  A_DA6:DT19_B  A 6  ? B 19 ? 20 1 
1 A DT 7  1_555 B DA 6  1_555 0.011  0.019  0.341  0.920   -12.126 5.537  7  A_DT7:DA18_B  A 7  ? B 18 ? 20 1 
1 A DA 8  1_555 B DT 5  1_555 0.124  -0.125 -0.073 -10.238 -13.731 2.077  8  A_DA8:DT17_B  A 8  ? B 17 ? 20 1 
1 A DT 9  1_555 B DA 4  1_555 -0.393 -0.033 -0.157 -8.884  -15.667 0.677  9  A_DT9:DA16_B  A 9  ? B 16 ? 20 1 
1 A DG 10 1_555 B DC 3  1_555 0.163  -0.176 0.327  5.800   -6.619  -0.517 10 A_DG10:DC15_B A 10 ? B 15 ? 19 1 
1 A DC 11 1_555 B DG 2  1_555 -0.130 -0.009 0.508  -0.799  -18.587 -7.796 11 A_DC11:DG14_B A 11 ? B 14 ? 19 1 
1 A DG 12 1_555 B DC 1  1_555 -0.644 -0.378 0.335  10.622  -0.124  -3.579 12 A_DG12:DC13_B A 12 ? B 13 ? 19 1 
# 
loop_
_ndb_struct_na_base_pair_step.model_number 
_ndb_struct_na_base_pair_step.i_label_asym_id_1 
_ndb_struct_na_base_pair_step.i_label_comp_id_1 
_ndb_struct_na_base_pair_step.i_label_seq_id_1 
_ndb_struct_na_base_pair_step.i_symmetry_1 
_ndb_struct_na_base_pair_step.j_label_asym_id_1 
_ndb_struct_na_base_pair_step.j_label_comp_id_1 
_ndb_struct_na_base_pair_step.j_label_seq_id_1 
_ndb_struct_na_base_pair_step.j_symmetry_1 
_ndb_struct_na_base_pair_step.i_label_asym_id_2 
_ndb_struct_na_base_pair_step.i_label_comp_id_2 
_ndb_struct_na_base_pair_step.i_label_seq_id_2 
_ndb_struct_na_base_pair_step.i_symmetry_2 
_ndb_struct_na_base_pair_step.j_label_asym_id_2 
_ndb_struct_na_base_pair_step.j_label_comp_id_2 
_ndb_struct_na_base_pair_step.j_label_seq_id_2 
_ndb_struct_na_base_pair_step.j_symmetry_2 
_ndb_struct_na_base_pair_step.shift 
_ndb_struct_na_base_pair_step.slide 
_ndb_struct_na_base_pair_step.rise 
_ndb_struct_na_base_pair_step.tilt 
_ndb_struct_na_base_pair_step.roll 
_ndb_struct_na_base_pair_step.twist 
_ndb_struct_na_base_pair_step.x_displacement 
_ndb_struct_na_base_pair_step.y_displacement 
_ndb_struct_na_base_pair_step.helical_rise 
_ndb_struct_na_base_pair_step.inclination 
_ndb_struct_na_base_pair_step.tip 
_ndb_struct_na_base_pair_step.helical_twist 
_ndb_struct_na_base_pair_step.step_number 
_ndb_struct_na_base_pair_step.step_name 
_ndb_struct_na_base_pair_step.i_auth_asym_id_1 
_ndb_struct_na_base_pair_step.i_auth_seq_id_1 
_ndb_struct_na_base_pair_step.i_PDB_ins_code_1 
_ndb_struct_na_base_pair_step.j_auth_asym_id_1 
_ndb_struct_na_base_pair_step.j_auth_seq_id_1 
_ndb_struct_na_base_pair_step.j_PDB_ins_code_1 
_ndb_struct_na_base_pair_step.i_auth_asym_id_2 
_ndb_struct_na_base_pair_step.i_auth_seq_id_2 
_ndb_struct_na_base_pair_step.i_PDB_ins_code_2 
_ndb_struct_na_base_pair_step.j_auth_asym_id_2 
_ndb_struct_na_base_pair_step.j_auth_seq_id_2 
_ndb_struct_na_base_pair_step.j_PDB_ins_code_2 
1 A DC 1  1_555 B DG 12 1_555 A DG 2  1_555 B DC 11 1_555 0.191  0.169  3.432 3.535  8.461  36.210 -0.921 0.197  3.389 13.352  
-5.579 37.315 1  AA_DC1DG2:DC23DG24_BB   A 1  ? B 24 ? A 2  ? B 23 ? 
1 A DG 2  1_555 B DC 11 1_555 A DC 3  1_555 B DG 10 1_555 0.535  0.562  3.270 -1.304 0.069  37.571 0.862  -1.000 3.251 0.108   
2.024  37.593 2  AA_DG2DC3:DG22DC23_BB   A 2  ? B 23 ? A 3  ? B 22 ? 
1 A DC 3  1_555 B DG 10 1_555 A DT 4  1_555 B DA 9  1_555 -0.289 0.089  3.098 0.447  4.662  26.906 -0.912 0.718  3.064 9.923   
-0.951 27.303 3  AA_DC3DT4:DA21DG22_BB   A 3  ? B 22 ? A 4  ? B 21 ? 
1 A DT 4  1_555 B DA 9  1_555 A DT 5  1_555 B DA 8  1_555 0.448  -0.318 3.242 1.789  -0.119 37.436 -0.479 -0.465 3.260 -0.185  
-2.785 37.477 4  AA_DT4DT5:DA20DA21_BB   A 4  ? B 21 ? A 5  ? B 20 ? 
1 A DT 5  1_555 B DA 8  1_555 A DA 6  1_555 B DT 7  1_555 0.262  -0.348 3.530 1.814  1.491  41.473 -0.661 -0.161 3.524 2.103   
-2.559 41.537 5  AA_DT5DA6:DT19DA20_BB   A 5  ? B 20 ? A 6  ? B 19 ? 
1 A DA 6  1_555 B DT 7  1_555 A DT 7  1_555 B DA 6  1_555 -0.012 -0.752 3.144 -0.968 -2.072 28.673 -1.064 -0.187 3.188 -4.175  
1.952  28.762 6  AA_DA6DT7:DA18DT19_BB   A 6  ? B 19 ? A 7  ? B 18 ? 
1 A DT 7  1_555 B DA 6  1_555 A DA 8  1_555 B DT 5  1_555 -0.448 -0.421 3.478 2.329  1.253  39.880 -0.768 0.938  3.433 1.835   
-3.411 39.964 7  AA_DT7DA8:DT17DA18_BB   A 7  ? B 18 ? A 8  ? B 17 ? 
1 A DA 8  1_555 B DT 5  1_555 A DT 9  1_555 B DA 4  1_555 -0.235 -0.518 3.148 1.362  -7.244 34.264 0.205  0.590  3.177 -12.122 
-2.280 35.025 8  AA_DA8DT9:DA16DT17_BB   A 8  ? B 17 ? A 9  ? B 16 ? 
1 A DT 9  1_555 B DA 4  1_555 A DG 10 1_555 B DC 3  1_555 0.688  0.880  3.106 -4.600 3.242  31.623 1.039  -2.028 3.051 5.891   
8.359  32.107 9  AA_DT9DG10:DC15DA16_BB  A 9  ? B 16 ? A 10 ? B 15 ? 
1 A DG 10 1_555 B DC 3  1_555 A DC 11 1_555 B DG 2  1_555 -1.348 0.203  3.558 -3.758 -9.337 38.016 1.528  1.512  3.525 -14.036 
5.648  39.278 10 AA_DG10DC11:DG14DC15_BB A 10 ? B 15 ? A 11 ? B 14 ? 
1 A DC 11 1_555 B DG 2  1_555 A DG 12 1_555 B DC 1  1_555 0.593  0.556  3.085 1.674  1.176  36.673 0.729  -0.724 3.124 1.867   
-2.658 36.728 11 AA_DC11DG12:DC13DG14_BB A 11 ? B 14 ? A 12 ? B 13 ? 
# 
_atom_sites.entry_id                    1LP7 
_atom_sites.fract_transf_matrix[1][1]   -0.03816096 
_atom_sites.fract_transf_matrix[1][2]   -0.00571569 
_atom_sites.fract_transf_matrix[1][3]   -0.01002645 
_atom_sites.fract_transf_matrix[2][1]   0.00125074 
_atom_sites.fract_transf_matrix[2][2]   -0.02349133 
_atom_sites.fract_transf_matrix[2][3]   0.00863114 
_atom_sites.fract_transf_matrix[3][1]   -0.00429007 
_atom_sites.fract_transf_matrix[3][2]   0.00477145 
_atom_sites.fract_transf_matrix[3][3]   0.01360811 
_atom_sites.fract_transf_vector[1]      0.410250 
_atom_sites.fract_transf_vector[2]      0.020213 
_atom_sites.fract_transf_vector[3]      0.367666 
# 
loop_
_atom_type.symbol 
C  
MG 
N  
O  
P  
# 
loop_
_atom_site.group_PDB 
_atom_site.id 
_atom_site.type_symbol 
_atom_site.label_atom_id 
_atom_site.label_alt_id 
_atom_site.label_comp_id 
_atom_site.label_asym_id 
_atom_site.label_entity_id 
_atom_site.label_seq_id 
_atom_site.pdbx_PDB_ins_code 
_atom_site.Cartn_x 
_atom_site.Cartn_y 
_atom_site.Cartn_z 
_atom_site.occupancy 
_atom_site.B_iso_or_equiv 
_atom_site.pdbx_formal_charge 
_atom_site.auth_seq_id 
_atom_site.auth_comp_id 
_atom_site.auth_asym_id 
_atom_site.auth_atom_id 
_atom_site.pdbx_PDB_model_num 
ATOM   1   O  "O5'" . DC  A 1 1  ? 9.710   -16.956 -6.994  1.00 37.28 ? 1   DC  A "O5'" 1 
ATOM   2   C  "C5'" . DC  A 1 1  ? 9.155   -16.185 -8.068  1.00 34.46 ? 1   DC  A "C5'" 1 
ATOM   3   C  "C4'" . DC  A 1 1  ? 10.009  -14.968 -8.328  1.00 33.06 ? 1   DC  A "C4'" 1 
ATOM   4   O  "O4'" . DC  A 1 1  ? 9.521   -14.260 -9.492  1.00 32.98 ? 1   DC  A "O4'" 1 
ATOM   5   C  "C3'" . DC  A 1 1  ? 10.025  -13.950 -7.190  1.00 34.24 ? 1   DC  A "C3'" 1 
ATOM   6   O  "O3'" . DC  A 1 1  ? 11.348  -13.425 -7.049  1.00 34.64 ? 1   DC  A "O3'" 1 
ATOM   7   C  "C2'" . DC  A 1 1  ? 9.056   -12.876 -7.655  1.00 32.69 ? 1   DC  A "C2'" 1 
ATOM   8   C  "C1'" . DC  A 1 1  ? 9.250   -12.905 -9.160  1.00 32.16 ? 1   DC  A "C1'" 1 
ATOM   9   N  N1    . DC  A 1 1  ? 8.085   -12.471 -9.953  1.00 29.60 ? 1   DC  A N1    1 
ATOM   10  C  C2    . DC  A 1 1  ? 8.289   -11.574 -11.002 1.00 27.77 ? 1   DC  A C2    1 
ATOM   11  O  O2    . DC  A 1 1  ? 9.434   -11.152 -11.217 1.00 26.94 ? 1   DC  A O2    1 
ATOM   12  N  N3    . DC  A 1 1  ? 7.239   -11.183 -11.752 1.00 27.70 ? 1   DC  A N3    1 
ATOM   13  C  C4    . DC  A 1 1  ? 6.017   -11.643 -11.481 1.00 27.47 ? 1   DC  A C4    1 
ATOM   14  N  N4    . DC  A 1 1  ? 5.007   -11.224 -12.253 1.00 24.42 ? 1   DC  A N4    1 
ATOM   15  C  C5    . DC  A 1 1  ? 5.777   -12.552 -10.409 1.00 26.75 ? 1   DC  A C5    1 
ATOM   16  C  C6    . DC  A 1 1  ? 6.830   -12.937 -9.679  1.00 27.94 ? 1   DC  A C6    1 
ATOM   17  P  P     . DG  A 1 2  ? 11.708  -12.478 -5.803  1.00 34.54 ? 2   DG  A P     1 
ATOM   18  O  OP1   . DG  A 1 2  ? 13.105  -12.821 -5.435  1.00 38.05 ? 2   DG  A OP1   1 
ATOM   19  O  OP2   . DG  A 1 2  ? 10.653  -12.514 -4.767  1.00 33.19 ? 2   DG  A OP2   1 
ATOM   20  O  "O5'" . DG  A 1 2  ? 11.674  -11.025 -6.444  1.00 31.50 ? 2   DG  A "O5'" 1 
ATOM   21  C  "C5'" . DG  A 1 2  ? 12.596  -10.655 -7.448  1.00 28.11 ? 2   DG  A "C5'" 1 
ATOM   22  C  "C4'" . DG  A 1 2  ? 12.483  -9.173  -7.716  1.00 29.25 ? 2   DG  A "C4'" 1 
ATOM   23  O  "O4'" . DG  A 1 2  ? 11.339  -8.893  -8.554  1.00 26.71 ? 2   DG  A "O4'" 1 
ATOM   24  C  "C3'" . DG  A 1 2  ? 12.311  -8.323  -6.459  1.00 28.86 ? 2   DG  A "C3'" 1 
ATOM   25  O  "O3'" . DG  A 1 2  ? 13.074  -7.121  -6.591  1.00 31.14 ? 2   DG  A "O3'" 1 
ATOM   26  C  "C2'" . DG  A 1 2  ? 10.822  -8.025  -6.441  1.00 28.25 ? 2   DG  A "C2'" 1 
ATOM   27  C  "C1'" . DG  A 1 2  ? 10.485  -7.955  -7.921  1.00 25.45 ? 2   DG  A "C1'" 1 
ATOM   28  N  N9    . DG  A 1 2  ? 9.108   -8.313  -8.251  1.00 23.28 ? 2   DG  A N9    1 
ATOM   29  C  C8    . DG  A 1 2  ? 8.303   -9.201  -7.582  1.00 22.56 ? 2   DG  A C8    1 
ATOM   30  N  N7    . DG  A 1 2  ? 7.117   -9.326  -8.119  1.00 22.00 ? 2   DG  A N7    1 
ATOM   31  C  C5    . DG  A 1 2  ? 7.140   -8.467  -9.210  1.00 21.92 ? 2   DG  A C5    1 
ATOM   32  C  C6    . DG  A 1 2  ? 6.138   -8.180  -10.172 1.00 20.60 ? 2   DG  A C6    1 
ATOM   33  O  O6    . DG  A 1 2  ? 5.004   -8.652  -10.262 1.00 22.62 ? 2   DG  A O6    1 
ATOM   34  N  N1    . DG  A 1 2  ? 6.571   -7.244  -11.101 1.00 17.65 ? 2   DG  A N1    1 
ATOM   35  C  C2    . DG  A 1 2  ? 7.815   -6.664  -11.117 1.00 20.39 ? 2   DG  A C2    1 
ATOM   36  N  N2    . DG  A 1 2  ? 8.048   -5.791  -12.120 1.00 17.44 ? 2   DG  A N2    1 
ATOM   37  N  N3    . DG  A 1 2  ? 8.762   -6.923  -10.224 1.00 19.55 ? 2   DG  A N3    1 
ATOM   38  C  C4    . DG  A 1 2  ? 8.358   -7.827  -9.306  1.00 22.37 ? 2   DG  A C4    1 
ATOM   39  P  P     . DC  A 1 3  ? 13.229  -6.124  -5.339  1.00 30.65 ? 3   DC  A P     1 
ATOM   40  O  OP1   . DC  A 1 3  ? 14.662  -6.113  -4.971  1.00 31.40 ? 3   DC  A OP1   1 
ATOM   41  O  OP2   . DC  A 1 3  ? 12.205  -6.415  -4.308  1.00 30.35 ? 3   DC  A OP2   1 
ATOM   42  O  "O5'" . DC  A 1 3  ? 12.877  -4.722  -5.989  1.00 31.26 ? 3   DC  A "O5'" 1 
ATOM   43  C  "C5'" . DC  A 1 3  ? 13.175  -4.481  -7.355  1.00 29.90 ? 3   DC  A "C5'" 1 
ATOM   44  C  "C4'" . DC  A 1 3  ? 12.133  -3.573  -7.956  1.00 29.78 ? 3   DC  A "C4'" 1 
ATOM   45  O  "O4'" . DC  A 1 3  ? 10.913  -4.305  -8.254  1.00 28.71 ? 3   DC  A "O4'" 1 
ATOM   46  C  "C3'" . DC  A 1 3  ? 11.739  -2.433  -7.018  1.00 29.30 ? 3   DC  A "C3'" 1 
ATOM   47  O  "O3'" . DC  A 1 3  ? 11.803  -1.193  -7.692  1.00 29.07 ? 3   DC  A "O3'" 1 
ATOM   48  C  "C2'" . DC  A 1 3  ? 10.296  -2.734  -6.649  1.00 29.76 ? 3   DC  A "C2'" 1 
ATOM   49  C  "C1'" . DC  A 1 3  ? 9.798   -3.533  -7.837  1.00 27.11 ? 3   DC  A "C1'" 1 
ATOM   50  N  N1    . DC  A 1 3  ? 8.703   -4.451  -7.484  1.00 26.83 ? 3   DC  A N1    1 
ATOM   51  C  C2    . DC  A 1 3  ? 7.532   -4.455  -8.260  1.00 24.77 ? 3   DC  A C2    1 
ATOM   52  O  O2    . DC  A 1 3  ? 7.455   -3.710  -9.244  1.00 23.75 ? 3   DC  A O2    1 
ATOM   53  N  N3    . DC  A 1 3  ? 6.510   -5.269  -7.908  1.00 24.84 ? 3   DC  A N3    1 
ATOM   54  C  C4    . DC  A 1 3  ? 6.617   -6.050  -6.832  1.00 24.18 ? 3   DC  A C4    1 
ATOM   55  N  N4    . DC  A 1 3  ? 5.579   -6.812  -6.514  1.00 22.07 ? 3   DC  A N4    1 
ATOM   56  C  C5    . DC  A 1 3  ? 7.798   -6.078  -6.033  1.00 26.33 ? 3   DC  A C5    1 
ATOM   57  C  C6    . DC  A 1 3  ? 8.810   -5.277  -6.396  1.00 27.77 ? 3   DC  A C6    1 
ATOM   58  P  P     . DT  A 1 4  ? 11.772  0.160   -6.846  1.00 29.64 ? 4   DT  A P     1 
ATOM   59  O  OP1   . DT  A 1 4  ? 13.005  0.912   -7.189  1.00 32.62 ? 4   DT  A OP1   1 
ATOM   60  O  OP2   . DT  A 1 4  ? 11.478  -0.160  -5.436  1.00 25.88 ? 4   DT  A OP2   1 
ATOM   61  O  "O5'" . DT  A 1 4  ? 10.546  0.940   -7.493  1.00 31.05 ? 4   DT  A "O5'" 1 
ATOM   62  C  "C5'" . DT  A 1 4  ? 10.466  1.083   -8.911  1.00 31.21 ? 4   DT  A "C5'" 1 
ATOM   63  C  "C4'" . DT  A 1 4  ? 9.108   1.608   -9.310  1.00 33.32 ? 4   DT  A "C4'" 1 
ATOM   64  O  "O4'" . DT  A 1 4  ? 8.098   0.575   -9.182  1.00 30.03 ? 4   DT  A "O4'" 1 
ATOM   65  C  "C3'" . DT  A 1 4  ? 8.634   2.785   -8.462  1.00 34.16 ? 4   DT  A "C3'" 1 
ATOM   66  O  "O3'" . DT  A 1 4  ? 8.062   3.793   -9.297  1.00 36.16 ? 4   DT  A "O3'" 1 
ATOM   67  C  "C2'" . DT  A 1 4  ? 7.602   2.168   -7.532  1.00 32.40 ? 4   DT  A "C2'" 1 
ATOM   68  C  "C1'" . DT  A 1 4  ? 7.034   1.025   -8.358  1.00 29.52 ? 4   DT  A "C1'" 1 
ATOM   69  N  N1    . DT  A 1 4  ? 6.565   -0.127  -7.553  1.00 28.52 ? 4   DT  A N1    1 
ATOM   70  C  C2    . DT  A 1 4  ? 5.382   -0.748  -7.906  1.00 25.50 ? 4   DT  A C2    1 
ATOM   71  O  O2    . DT  A 1 4  ? 4.706   -0.412  -8.859  1.00 24.61 ? 4   DT  A O2    1 
ATOM   72  N  N3    . DT  A 1 4  ? 5.019   -1.786  -7.096  1.00 25.23 ? 4   DT  A N3    1 
ATOM   73  C  C4    . DT  A 1 4  ? 5.695   -2.263  -5.995  1.00 28.13 ? 4   DT  A C4    1 
ATOM   74  O  O4    . DT  A 1 4  ? 5.234   -3.208  -5.356  1.00 29.51 ? 4   DT  A O4    1 
ATOM   75  C  C5    . DT  A 1 4  ? 6.931   -1.577  -5.684  1.00 27.55 ? 4   DT  A C5    1 
ATOM   76  C  C7    . DT  A 1 4  ? 7.736   -2.032  -4.511  1.00 27.24 ? 4   DT  A C7    1 
ATOM   77  C  C6    . DT  A 1 4  ? 7.298   -0.558  -6.468  1.00 27.87 ? 4   DT  A C6    1 
ATOM   78  P  P     . DT  A 1 5  ? 7.495   5.136   -8.632  1.00 39.83 ? 5   DT  A P     1 
ATOM   79  O  OP1   . DT  A 1 5  ? 7.839   6.276   -9.522  1.00 39.50 ? 5   DT  A OP1   1 
ATOM   80  O  OP2   . DT  A 1 5  ? 7.913   5.155   -7.205  1.00 40.88 ? 5   DT  A OP2   1 
ATOM   81  O  "O5'" . DT  A 1 5  ? 5.920   4.917   -8.693  1.00 37.83 ? 5   DT  A "O5'" 1 
ATOM   82  C  "C5'" . DT  A 1 5  ? 5.330   4.370   -9.867  1.00 34.30 ? 5   DT  A "C5'" 1 
ATOM   83  C  "C4'" . DT  A 1 5  ? 3.914   3.928   -9.598  1.00 30.99 ? 5   DT  A "C4'" 1 
ATOM   84  O  "O4'" . DT  A 1 5  ? 3.891   2.726   -8.791  1.00 31.36 ? 5   DT  A "O4'" 1 
ATOM   85  C  "C3'" . DT  A 1 5  ? 3.023   4.944   -8.885  1.00 30.42 ? 5   DT  A "C3'" 1 
ATOM   86  O  "O3'" . DT  A 1 5  ? 1.772   4.993   -9.566  1.00 31.41 ? 5   DT  A "O3'" 1 
ATOM   87  C  "C2'" . DT  A 1 5  ? 2.856   4.356   -7.494  1.00 28.47 ? 5   DT  A "C2'" 1 
ATOM   88  C  "C1'" . DT  A 1 5  ? 2.910   2.867   -7.779  1.00 26.86 ? 5   DT  A "C1'" 1 
ATOM   89  N  N1    . DT  A 1 5  ? 3.290   1.993   -6.644  1.00 24.11 ? 5   DT  A N1    1 
ATOM   90  C  C2    . DT  A 1 5  ? 2.491   0.901   -6.372  1.00 23.36 ? 5   DT  A C2    1 
ATOM   91  O  O2    . DT  A 1 5  ? 1.496   0.624   -7.016  1.00 22.53 ? 5   DT  A O2    1 
ATOM   92  N  N3    . DT  A 1 5  ? 2.907   0.139   -5.308  1.00 22.17 ? 5   DT  A N3    1 
ATOM   93  C  C4    . DT  A 1 5  ? 4.014   0.350   -4.510  1.00 21.08 ? 5   DT  A C4    1 
ATOM   94  O  O4    . DT  A 1 5  ? 4.269   -0.432  -3.591  1.00 20.71 ? 5   DT  A O4    1 
ATOM   95  C  C5    . DT  A 1 5  ? 4.802   1.511   -4.849  1.00 21.49 ? 5   DT  A C5    1 
ATOM   96  C  C7    . DT  A 1 5  ? 6.019   1.823   -4.034  1.00 19.80 ? 5   DT  A C7    1 
ATOM   97  C  C6    . DT  A 1 5  ? 4.406   2.263   -5.885  1.00 21.82 ? 5   DT  A C6    1 
ATOM   98  P  P     . DA  A 1 6  ? 0.673   6.083   -9.147  1.00 31.67 ? 6   DA  A P     1 
ATOM   99  O  OP1   . DA  A 1 6  ? 0.152   6.661   -10.416 1.00 30.55 ? 6   DA  A OP1   1 
ATOM   100 O  OP2   . DA  A 1 6  ? 1.239   6.972   -8.106  1.00 31.82 ? 6   DA  A OP2   1 
ATOM   101 O  "O5'" . DA  A 1 6  ? -0.468  5.192   -8.488  1.00 30.59 ? 6   DA  A "O5'" 1 
ATOM   102 C  "C5'" . DA  A 1 6  ? -0.959  4.047   -9.175  1.00 25.20 ? 6   DA  A "C5'" 1 
ATOM   103 C  "C4'" . DA  A 1 6  ? -1.970  3.318   -8.324  1.00 24.32 ? 6   DA  A "C4'" 1 
ATOM   104 O  "O4'" . DA  A 1 6  ? -1.326  2.506   -7.310  1.00 21.56 ? 6   DA  A "O4'" 1 
ATOM   105 C  "C3'" . DA  A 1 6  ? -2.964  4.219   -7.596  1.00 22.74 ? 6   DA  A "C3'" 1 
ATOM   106 O  "O3'" . DA  A 1 6  ? -4.278  3.698   -7.782  1.00 23.56 ? 6   DA  A "O3'" 1 
ATOM   107 C  "C2'" . DA  A 1 6  ? -2.531  4.140   -6.141  1.00 20.94 ? 6   DA  A "C2'" 1 
ATOM   108 C  "C1'" . DA  A 1 6  ? -1.893  2.766   -6.037  1.00 19.88 ? 6   DA  A "C1'" 1 
ATOM   109 N  N9    . DA  A 1 6  ? -0.811  2.683   -5.055  1.00 20.29 ? 6   DA  A N9    1 
ATOM   110 C  C8    . DA  A 1 6  ? 0.255   3.539   -4.920  1.00 18.08 ? 6   DA  A C8    1 
ATOM   111 N  N7    . DA  A 1 6  ? 1.090   3.201   -3.970  1.00 19.91 ? 6   DA  A N7    1 
ATOM   112 C  C5    . DA  A 1 6  ? 0.539   2.046   -3.437  1.00 19.76 ? 6   DA  A C5    1 
ATOM   113 C  C6    . DA  A 1 6  ? 0.953   1.195   -2.397  1.00 19.70 ? 6   DA  A C6    1 
ATOM   114 N  N6    . DA  A 1 6  ? 2.070   1.377   -1.696  1.00 21.59 ? 6   DA  A N6    1 
ATOM   115 N  N1    . DA  A 1 6  ? 0.166   0.137   -2.101  1.00 19.74 ? 6   DA  A N1    1 
ATOM   116 C  C2    . DA  A 1 6  ? -0.953  -0.047  -2.814  1.00 19.46 ? 6   DA  A C2    1 
ATOM   117 N  N3    . DA  A 1 6  ? -1.442  0.675   -3.820  1.00 17.38 ? 6   DA  A N3    1 
ATOM   118 C  C4    . DA  A 1 6  ? -0.641  1.719   -4.087  1.00 19.97 ? 6   DA  A C4    1 
ATOM   119 P  P     . DT  A 1 7  ? -5.547  4.518   -7.257  1.00 22.50 ? 7   DT  A P     1 
ATOM   120 O  OP1   . DT  A 1 7  ? -6.583  4.390   -8.308  1.00 27.12 ? 7   DT  A OP1   1 
ATOM   121 O  OP2   . DT  A 1 7  ? -5.163  5.866   -6.756  1.00 24.51 ? 7   DT  A OP2   1 
ATOM   122 O  "O5'" . DT  A 1 7  ? -6.006  3.649   -6.022  1.00 21.56 ? 7   DT  A "O5'" 1 
ATOM   123 C  "C5'" . DT  A 1 7  ? -5.965  2.242   -6.114  1.00 22.63 ? 7   DT  A "C5'" 1 
ATOM   124 C  "C4'" . DT  A 1 7  ? -6.110  1.634   -4.746  1.00 21.80 ? 7   DT  A "C4'" 1 
ATOM   125 O  "O4'" . DT  A 1 7  ? -4.858  1.647   -4.018  1.00 22.15 ? 7   DT  A "O4'" 1 
ATOM   126 C  "C3'" . DT  A 1 7  ? -7.134  2.334   -3.857  1.00 23.88 ? 7   DT  A "C3'" 1 
ATOM   127 O  "O3'" . DT  A 1 7  ? -8.076  1.359   -3.427  1.00 25.27 ? 7   DT  A "O3'" 1 
ATOM   128 C  "C2'" . DT  A 1 7  ? -6.302  2.886   -2.700  1.00 22.10 ? 7   DT  A "C2'" 1 
ATOM   129 C  "C1'" . DT  A 1 7  ? -5.129  1.923   -2.661  1.00 21.62 ? 7   DT  A "C1'" 1 
ATOM   130 N  N1    . DT  A 1 7  ? -3.886  2.431   -2.042  1.00 21.60 ? 7   DT  A N1    1 
ATOM   131 C  C2    . DT  A 1 7  ? -3.298  1.686   -1.041  1.00 23.28 ? 7   DT  A C2    1 
ATOM   132 O  O2    . DT  A 1 7  ? -3.766  0.639   -0.616  1.00 22.86 ? 7   DT  A O2    1 
ATOM   133 N  N3    . DT  A 1 7  ? -2.132  2.218   -0.544  1.00 24.25 ? 7   DT  A N3    1 
ATOM   134 C  C4    . DT  A 1 7  ? -1.515  3.388   -0.930  1.00 21.97 ? 7   DT  A C4    1 
ATOM   135 O  O4    . DT  A 1 7  ? -0.461  3.725   -0.404  1.00 21.02 ? 7   DT  A O4    1 
ATOM   136 C  C5    . DT  A 1 7  ? -2.199  4.128   -1.965  1.00 22.25 ? 7   DT  A C5    1 
ATOM   137 C  C7    . DT  A 1 7  ? -1.616  5.425   -2.436  1.00 21.40 ? 7   DT  A C7    1 
ATOM   138 C  C6    . DT  A 1 7  ? -3.331  3.617   -2.461  1.00 22.38 ? 7   DT  A C6    1 
ATOM   139 P  P     . DA  A 1 8  ? -9.228  1.760   -2.405  1.00 22.92 ? 8   DA  A P     1 
ATOM   140 O  OP1   . DA  A 1 8  ? -10.468 1.167   -2.951  1.00 29.87 ? 8   DA  A OP1   1 
ATOM   141 O  OP2   . DA  A 1 8  ? -9.175  3.206   -2.109  1.00 27.95 ? 8   DA  A OP2   1 
ATOM   142 O  "O5'" . DA  A 1 8  ? -8.808  0.955   -1.099  1.00 24.58 ? 8   DA  A "O5'" 1 
ATOM   143 C  "C5'" . DA  A 1 8  ? -8.307  -0.371  -1.215  1.00 21.38 ? 8   DA  A "C5'" 1 
ATOM   144 C  "C4'" . DA  A 1 8  ? -7.979  -0.932  0.148   1.00 22.22 ? 8   DA  A "C4'" 1 
ATOM   145 O  "O4'" . DA  A 1 8  ? -6.709  -0.428  0.617   1.00 20.30 ? 8   DA  A "O4'" 1 
ATOM   146 C  "C3'" . DA  A 1 8  ? -8.993  -0.636  1.250   1.00 23.06 ? 8   DA  A "C3'" 1 
ATOM   147 O  "O3'" . DA  A 1 8  ? -9.196  -1.821  2.026   1.00 25.34 ? 8   DA  A "O3'" 1 
ATOM   148 C  "C2'" . DA  A 1 8  ? -8.324  0.460   2.065   1.00 22.27 ? 8   DA  A "C2'" 1 
ATOM   149 C  "C1'" . DA  A 1 8  ? -6.844  0.135   1.916   1.00 20.73 ? 8   DA  A "C1'" 1 
ATOM   150 N  N9    . DA  A 1 8  ? -5.944  1.285   1.969   1.00 22.35 ? 8   DA  A N9    1 
ATOM   151 C  C8    . DA  A 1 8  ? -6.034  2.421   1.204   1.00 19.31 ? 8   DA  A C8    1 
ATOM   152 N  N7    . DA  A 1 8  ? -5.047  3.255   1.381   1.00 19.44 ? 8   DA  A N7    1 
ATOM   153 C  C5    . DA  A 1 8  ? -4.254  2.641   2.338   1.00 21.13 ? 8   DA  A C5    1 
ATOM   154 C  C6    . DA  A 1 8  ? -3.038  3.013   2.935   1.00 21.30 ? 8   DA  A C6    1 
ATOM   155 N  N6    . DA  A 1 8  ? -2.369  4.122   2.610   1.00 20.83 ? 8   DA  A N6    1 
ATOM   156 N  N1    . DA  A 1 8  ? -2.522  2.193   3.877   1.00 19.55 ? 8   DA  A N1    1 
ATOM   157 C  C2    . DA  A 1 8  ? -3.184  1.070   4.173   1.00 20.99 ? 8   DA  A C2    1 
ATOM   158 N  N3    . DA  A 1 8  ? -4.323  0.600   3.663   1.00 21.80 ? 8   DA  A N3    1 
ATOM   159 C  C4    . DA  A 1 8  ? -4.813  1.442   2.736   1.00 21.35 ? 8   DA  A C4    1 
ATOM   160 P  P     . DT  A 1 9  ? -9.966  -1.732  3.431   1.00 30.64 ? 9   DT  A P     1 
ATOM   161 O  OP1   . DT  A 1 9  ? -10.697 -3.010  3.587   1.00 32.28 ? 9   DT  A OP1   1 
ATOM   162 O  OP2   . DT  A 1 9  ? -10.704 -0.449  3.514   1.00 31.71 ? 9   DT  A OP2   1 
ATOM   163 O  "O5'" . DT  A 1 9  ? -8.792  -1.677  4.499   1.00 29.87 ? 9   DT  A "O5'" 1 
ATOM   164 C  "C5'" . DT  A 1 9  ? -7.691  -2.576  4.418   1.00 29.50 ? 9   DT  A "C5'" 1 
ATOM   165 C  "C4'" . DT  A 1 9  ? -6.860  -2.483  5.675   1.00 31.09 ? 9   DT  A "C4'" 1 
ATOM   166 O  "O4'" . DT  A 1 9  ? -5.967  -1.342  5.651   1.00 31.24 ? 9   DT  A "O4'" 1 
ATOM   167 C  "C3'" . DT  A 1 9  ? -7.698  -2.339  6.940   1.00 32.34 ? 9   DT  A "C3'" 1 
ATOM   168 O  "O3'" . DT  A 1 9  ? -7.127  -3.143  7.963   1.00 34.89 ? 9   DT  A "O3'" 1 
ATOM   169 C  "C2'" . DT  A 1 9  ? -7.589  -0.860  7.275   1.00 31.18 ? 9   DT  A "C2'" 1 
ATOM   170 C  "C1'" . DT  A 1 9  ? -6.186  -0.527  6.796   1.00 31.03 ? 9   DT  A "C1'" 1 
ATOM   171 N  N1    . DT  A 1 9  ? -5.959  0.886   6.403   1.00 30.51 ? 9   DT  A N1    1 
ATOM   172 C  C2    . DT  A 1 9  ? -4.759  1.477   6.762   1.00 29.28 ? 9   DT  A C2    1 
ATOM   173 O  O2    . DT  A 1 9  ? -3.915  0.918   7.436   1.00 29.73 ? 9   DT  A O2    1 
ATOM   174 N  N3    . DT  A 1 9  ? -4.591  2.759   6.311   1.00 28.82 ? 9   DT  A N3    1 
ATOM   175 C  C4    . DT  A 1 9  ? -5.486  3.507   5.571   1.00 29.24 ? 9   DT  A C4    1 
ATOM   176 O  O4    . DT  A 1 9  ? -5.186  4.644   5.222   1.00 28.36 ? 9   DT  A O4    1 
ATOM   177 C  C5    . DT  A 1 9  ? -6.741  2.844   5.261   1.00 28.96 ? 9   DT  A C5    1 
ATOM   178 C  C7    . DT  A 1 9  ? -7.785  3.588   4.489   1.00 28.11 ? 9   DT  A C7    1 
ATOM   179 C  C6    . DT  A 1 9  ? -6.910  1.582   5.686   1.00 28.81 ? 9   DT  A C6    1 
ATOM   180 P  P     . DG  A 1 10 ? -8.042  -3.645  9.172   1.00 37.65 ? 10  DG  A P     1 
ATOM   181 O  OP1   . DG  A 1 10 ? -7.728  -5.085  9.356   1.00 38.67 ? 10  DG  A OP1   1 
ATOM   182 O  OP2   . DG  A 1 10 ? -9.449  -3.215  8.939   1.00 38.44 ? 10  DG  A OP2   1 
ATOM   183 O  "O5'" . DG  A 1 10 ? -7.496  -2.812  10.412  1.00 36.20 ? 10  DG  A "O5'" 1 
ATOM   184 C  "C5'" . DG  A 1 10 ? -6.103  -2.705  10.663  1.00 32.09 ? 10  DG  A "C5'" 1 
ATOM   185 C  "C4'" . DG  A 1 10 ? -5.815  -1.441  11.436  1.00 31.97 ? 10  DG  A "C4'" 1 
ATOM   186 O  "O4'" . DG  A 1 10 ? -5.810  -0.278  10.570  1.00 28.59 ? 10  DG  A "O4'" 1 
ATOM   187 C  "C3'" . DG  A 1 10 ? -6.824  -1.133  12.549  1.00 31.89 ? 10  DG  A "C3'" 1 
ATOM   188 O  "O3'" . DG  A 1 10 ? -6.120  -0.642  13.691  1.00 34.12 ? 10  DG  A "O3'" 1 
ATOM   189 C  "C2'" . DG  A 1 10 ? -7.638  0.006   11.958  1.00 28.78 ? 10  DG  A "C2'" 1 
ATOM   190 C  "C1'" . DG  A 1 10 ? -6.538  0.735   11.230  1.00 25.96 ? 10  DG  A "C1'" 1 
ATOM   191 N  N9    . DG  A 1 10 ? -6.908  1.767   10.269  1.00 25.07 ? 10  DG  A N9    1 
ATOM   192 C  C8    . DG  A 1 10 ? -8.071  1.889   9.545   1.00 24.00 ? 10  DG  A C8    1 
ATOM   193 N  N7    . DG  A 1 10 ? -8.112  2.978   8.824   1.00 22.65 ? 10  DG  A N7    1 
ATOM   194 C  C5    . DG  A 1 10 ? -6.902  3.608   9.083   1.00 21.28 ? 10  DG  A C5    1 
ATOM   195 C  C6    . DG  A 1 10 ? -6.380  4.842   8.608   1.00 20.20 ? 10  DG  A C6    1 
ATOM   196 O  O6    . DG  A 1 10 ? -6.907  5.661   7.850   1.00 21.30 ? 10  DG  A O6    1 
ATOM   197 N  N1    . DG  A 1 10 ? -5.108  5.089   9.115   1.00 18.81 ? 10  DG  A N1    1 
ATOM   198 C  C2    . DG  A 1 10 ? -4.423  4.257   9.970   1.00 19.04 ? 10  DG  A C2    1 
ATOM   199 N  N2    . DG  A 1 10 ? -3.202  4.660   10.347  1.00 17.03 ? 10  DG  A N2    1 
ATOM   200 N  N3    . DG  A 1 10 ? -4.899  3.115   10.423  1.00 19.52 ? 10  DG  A N3    1 
ATOM   201 C  C4    . DG  A 1 10 ? -6.137  2.858   9.948   1.00 22.87 ? 10  DG  A C4    1 
ATOM   202 P  P     . DC  A 1 11 ? -5.948  -1.574  14.987  1.00 37.14 ? 11  DC  A P     1 
ATOM   203 O  OP1   . DC  A 1 11 ? -5.816  -2.977  14.518  1.00 35.88 ? 11  DC  A OP1   1 
ATOM   204 O  OP2   . DC  A 1 11 ? -6.998  -1.228  15.973  1.00 35.88 ? 11  DC  A OP2   1 
ATOM   205 O  "O5'" . DC  A 1 11 ? -4.546  -1.095  15.578  1.00 36.28 ? 11  DC  A "O5'" 1 
ATOM   206 C  "C5'" . DC  A 1 11 ? -3.344  -1.275  14.834  1.00 37.08 ? 11  DC  A "C5'" 1 
ATOM   207 C  "C4'" . DC  A 1 11 ? -2.495  -0.023  14.883  1.00 37.99 ? 11  DC  A "C4'" 1 
ATOM   208 O  "O4'" . DC  A 1 11 ? -3.078  1.048   14.102  1.00 37.90 ? 11  DC  A "O4'" 1 
ATOM   209 C  "C3'" . DC  A 1 11 ? -2.272  0.560   16.274  1.00 37.77 ? 11  DC  A "C3'" 1 
ATOM   210 O  "O3'" . DC  A 1 11 ? -0.941  1.057   16.334  1.00 38.50 ? 11  DC  A "O3'" 1 
ATOM   211 C  "C2'" . DC  A 1 11 ? -3.251  1.719   16.329  1.00 35.85 ? 11  DC  A "C2'" 1 
ATOM   212 C  "C1'" . DC  A 1 11 ? -3.186  2.216   14.901  1.00 35.34 ? 11  DC  A "C1'" 1 
ATOM   213 N  N1    . DC  A 1 11 ? -4.353  2.971   14.425  1.00 34.85 ? 11  DC  A N1    1 
ATOM   214 C  C2    . DC  A 1 11 ? -4.155  4.256   13.914  1.00 32.90 ? 11  DC  A C2    1 
ATOM   215 O  O2    . DC  A 1 11 ? -3.030  4.755   13.972  1.00 32.34 ? 11  DC  A O2    1 
ATOM   216 N  N3    . DC  A 1 11 ? -5.196  4.919   13.376  1.00 33.33 ? 11  DC  A N3    1 
ATOM   217 C  C4    . DC  A 1 11 ? -6.402  4.352   13.344  1.00 32.61 ? 11  DC  A C4    1 
ATOM   218 N  N4    . DC  A 1 11 ? -7.382  5.015   12.738  1.00 32.98 ? 11  DC  A N4    1 
ATOM   219 C  C5    . DC  A 1 11 ? -6.647  3.070   13.914  1.00 32.95 ? 11  DC  A C5    1 
ATOM   220 C  C6    . DC  A 1 11 ? -5.603  2.419   14.440  1.00 33.29 ? 11  DC  A C6    1 
ATOM   221 P  P     . DG  A 1 12 ? -0.208  1.195   17.749  1.00 40.99 ? 12  DG  A P     1 
ATOM   222 O  OP1   . DG  A 1 12 ? 1.002   0.337   17.644  1.00 41.78 ? 12  DG  A OP1   1 
ATOM   223 O  OP2   . DG  A 1 12 ? -1.190  0.960   18.844  1.00 39.65 ? 12  DG  A OP2   1 
ATOM   224 O  "O5'" . DG  A 1 12 ? 0.217   2.728   17.784  1.00 39.15 ? 12  DG  A "O5'" 1 
ATOM   225 C  "C5'" . DG  A 1 12 ? -0.656  3.721   17.254  1.00 35.23 ? 12  DG  A "C5'" 1 
ATOM   226 C  "C4'" . DG  A 1 12 ? -0.336  5.070   17.845  1.00 32.32 ? 12  DG  A "C4'" 1 
ATOM   227 O  "O4'" . DG  A 1 12 ? -1.303  6.004   17.314  1.00 31.07 ? 12  DG  A "O4'" 1 
ATOM   228 C  "C3'" . DG  A 1 12 ? -0.478  5.141   19.363  1.00 31.54 ? 12  DG  A "C3'" 1 
ATOM   229 O  "O3'" . DG  A 1 12 ? 0.391   6.123   19.929  1.00 30.23 ? 12  DG  A "O3'" 1 
ATOM   230 C  "C2'" . DG  A 1 12 ? -1.923  5.560   19.558  1.00 30.36 ? 12  DG  A "C2'" 1 
ATOM   231 C  "C1'" . DG  A 1 12 ? -2.248  6.377   18.308  1.00 29.55 ? 12  DG  A "C1'" 1 
ATOM   232 N  N9    . DG  A 1 12 ? -3.572  6.081   17.772  1.00 27.12 ? 12  DG  A N9    1 
ATOM   233 C  C8    . DG  A 1 12 ? -4.322  4.958   18.025  1.00 27.52 ? 12  DG  A C8    1 
ATOM   234 N  N7    . DG  A 1 12 ? -5.467  4.955   17.402  1.00 27.04 ? 12  DG  A N7    1 
ATOM   235 C  C5    . DG  A 1 12 ? -5.473  6.146   16.695  1.00 26.27 ? 12  DG  A C5    1 
ATOM   236 C  C6    . DG  A 1 12 ? -6.452  6.689   15.829  1.00 26.50 ? 12  DG  A C6    1 
ATOM   237 O  O6    . DG  A 1 12 ? -7.540  6.208   15.503  1.00 26.57 ? 12  DG  A O6    1 
ATOM   238 N  N1    . DG  A 1 12 ? -6.057  7.923   15.323  1.00 27.62 ? 12  DG  A N1    1 
ATOM   239 C  C2    . DG  A 1 12 ? -4.866  8.550   15.613  1.00 25.89 ? 12  DG  A C2    1 
ATOM   240 N  N2    . DG  A 1 12 ? -4.661  9.727   15.021  1.00 26.30 ? 12  DG  A N2    1 
ATOM   241 N  N3    . DG  A 1 12 ? -3.950  8.053   16.419  1.00 24.92 ? 12  DG  A N3    1 
ATOM   242 C  C4    . DG  A 1 12 ? -4.312  6.856   16.919  1.00 25.11 ? 12  DG  A C4    1 
ATOM   243 O  "O5'" . DC  B 2 1  ? -11.909 15.476  12.113  1.00 40.77 ? 13  DC  B "O5'" 1 
ATOM   244 C  "C5'" . DC  B 2 1  ? -11.432 14.200  12.551  1.00 38.57 ? 13  DC  B "C5'" 1 
ATOM   245 C  "C4'" . DC  B 2 1  ? -9.942  14.072  12.332  1.00 38.70 ? 13  DC  B "C4'" 1 
ATOM   246 O  "O4'" . DC  B 2 1  ? -9.423  12.942  13.078  1.00 36.98 ? 13  DC  B "O4'" 1 
ATOM   247 C  "C3'" . DC  B 2 1  ? -9.524  13.848  10.880  1.00 38.41 ? 13  DC  B "C3'" 1 
ATOM   248 O  "O3'" . DC  B 2 1  ? -8.286  14.510  10.648  1.00 40.94 ? 13  DC  B "O3'" 1 
ATOM   249 C  "C2'" . DC  B 2 1  ? -9.307  12.348  10.813  1.00 37.34 ? 13  DC  B "C2'" 1 
ATOM   250 C  "C1'" . DC  B 2 1  ? -8.764  12.047  12.199  1.00 36.09 ? 13  DC  B "C1'" 1 
ATOM   251 N  N1    . DC  B 2 1  ? -9.034  10.683  12.666  1.00 36.25 ? 13  DC  B N1    1 
ATOM   252 C  C2    . DC  B 2 1  ? -8.017  9.980   13.328  1.00 35.31 ? 13  DC  B C2    1 
ATOM   253 O  O2    . DC  B 2 1  ? -6.933  10.544  13.528  1.00 34.20 ? 13  DC  B O2    1 
ATOM   254 N  N3    . DC  B 2 1  ? -8.247  8.711   13.736  1.00 34.32 ? 13  DC  B N3    1 
ATOM   255 C  C4    . DC  B 2 1  ? -9.439  8.146   13.516  1.00 36.47 ? 13  DC  B C4    1 
ATOM   256 N  N4    . DC  B 2 1  ? -9.623  6.884   13.925  1.00 33.35 ? 13  DC  B N4    1 
ATOM   257 C  C5    . DC  B 2 1  ? -10.499 8.849   12.861  1.00 37.26 ? 13  DC  B C5    1 
ATOM   258 C  C6    . DC  B 2 1  ? -10.253 10.100  12.455  1.00 36.15 ? 13  DC  B C6    1 
ATOM   259 P  P     . DG  B 2 2  ? -7.894  14.986  9.165   1.00 42.75 ? 14  DG  B P     1 
ATOM   260 O  OP1   . DG  B 2 2  ? -8.276  16.422  9.062   1.00 42.71 ? 14  DG  B OP1   1 
ATOM   261 O  OP2   . DG  B 2 2  ? -8.413  14.013  8.172   1.00 41.64 ? 14  DG  B OP2   1 
ATOM   262 O  "O5'" . DG  B 2 2  ? -6.305  14.903  9.172   1.00 38.15 ? 14  DG  B "O5'" 1 
ATOM   263 C  "C5'" . DG  B 2 2  ? -5.566  15.452  10.257  1.00 32.74 ? 14  DG  B "C5'" 1 
ATOM   264 C  "C4'" . DG  B 2 2  ? -4.288  14.674  10.469  1.00 29.72 ? 14  DG  B "C4'" 1 
ATOM   265 O  "O4'" . DG  B 2 2  ? -4.570  13.370  11.041  1.00 28.06 ? 14  DG  B "O4'" 1 
ATOM   266 C  "C3'" . DG  B 2 2  ? -3.489  14.426  9.191   1.00 29.68 ? 14  DG  B "C3'" 1 
ATOM   267 O  "O3'" . DG  B 2 2  ? -2.116  14.750  9.402   1.00 26.84 ? 14  DG  B "O3'" 1 
ATOM   268 C  "C2'" . DG  B 2 2  ? -3.692  12.946  8.907   1.00 27.93 ? 14  DG  B "C2'" 1 
ATOM   269 C  "C1'" . DG  B 2 2  ? -3.944  12.343  10.281  1.00 26.88 ? 14  DG  B "C1'" 1 
ATOM   270 N  N9    . DG  B 2 2  ? -4.857  11.203  10.238  1.00 25.19 ? 14  DG  B N9    1 
ATOM   271 C  C8    . DG  B 2 2  ? -6.027  11.142  9.530   1.00 24.92 ? 14  DG  B C8    1 
ATOM   272 N  N7    . DG  B 2 2  ? -6.644  10.004  9.656   1.00 26.16 ? 14  DG  B N7    1 
ATOM   273 C  C5    . DG  B 2 2  ? -5.837  9.262   10.505  1.00 25.52 ? 14  DG  B C5    1 
ATOM   274 C  C6    . DG  B 2 2  ? -6.005  7.937   11.011  1.00 26.01 ? 14  DG  B C6    1 
ATOM   275 O  O6    . DG  B 2 2  ? -6.935  7.145   10.811  1.00 26.80 ? 14  DG  B O6    1 
ATOM   276 N  N1    . DG  B 2 2  ? -4.950  7.569   11.837  1.00 23.52 ? 14  DG  B N1    1 
ATOM   277 C  C2    . DG  B 2 2  ? -3.880  8.367   12.144  1.00 24.03 ? 14  DG  B C2    1 
ATOM   278 N  N2    . DG  B 2 2  ? -2.967  7.824   12.956  1.00 22.38 ? 14  DG  B N2    1 
ATOM   279 N  N3    . DG  B 2 2  ? -3.716  9.605   11.687  1.00 24.94 ? 14  DG  B N3    1 
ATOM   280 C  C4    . DG  B 2 2  ? -4.727  9.984   10.877  1.00 23.95 ? 14  DG  B C4    1 
ATOM   281 P  P     . DC  B 2 3  ? -1.035  14.387  8.284   1.00 28.10 ? 15  DC  B P     1 
ATOM   282 O  OP1   . DC  B 2 3  ? 0.121   15.305  8.473   1.00 31.96 ? 15  DC  B OP1   1 
ATOM   283 O  OP2   . DC  B 2 3  ? -1.681  14.283  6.952   1.00 26.62 ? 15  DC  B OP2   1 
ATOM   284 O  "O5'" . DC  B 2 3  ? -0.562  12.943  8.729   1.00 27.53 ? 15  DC  B "O5'" 1 
ATOM   285 C  "C5'" . DC  B 2 3  ? -0.265  12.688  10.093  1.00 27.35 ? 15  DC  B "C5'" 1 
ATOM   286 C  "C4'" . DC  B 2 3  ? 0.271   11.290  10.243  1.00 26.29 ? 15  DC  B "C4'" 1 
ATOM   287 O  "O4'" . DC  B 2 3  ? -0.832  10.355  10.248  1.00 25.21 ? 15  DC  B "O4'" 1 
ATOM   288 C  "C3'" . DC  B 2 3  ? 1.174   10.899  9.079   1.00 27.15 ? 15  DC  B "C3'" 1 
ATOM   289 O  "O3'" . DC  B 2 3  ? 2.380   10.320  9.528   1.00 28.59 ? 15  DC  B "O3'" 1 
ATOM   290 C  "C2'" . DC  B 2 3  ? 0.368   9.878   8.303   1.00 25.91 ? 15  DC  B "C2'" 1 
ATOM   291 C  "C1'" . DC  B 2 3  ? -0.594  9.312   9.328   1.00 22.10 ? 15  DC  B "C1'" 1 
ATOM   292 N  N1    . DC  B 2 3  ? -1.880  8.957   8.714   1.00 21.60 ? 15  DC  B N1    1 
ATOM   293 C  C2    . DC  B 2 3  ? -2.473  7.750   9.044   1.00 20.95 ? 15  DC  B C2    1 
ATOM   294 O  O2    . DC  B 2 3  ? -1.946  7.051   9.914   1.00 23.26 ? 15  DC  B O2    1 
ATOM   295 N  N3    . DC  B 2 3  ? -3.611  7.375   8.410   1.00 20.03 ? 15  DC  B N3    1 
ATOM   296 C  C4    . DC  B 2 3  ? -4.150  8.177   7.487   1.00 19.77 ? 15  DC  B C4    1 
ATOM   297 N  N4    . DC  B 2 3  ? -5.238  7.755   6.840   1.00 18.24 ? 15  DC  B N4    1 
ATOM   298 C  C5    . DC  B 2 3  ? -3.588  9.443   7.171   1.00 19.26 ? 15  DC  B C5    1 
ATOM   299 C  C6    . DC  B 2 3  ? -2.466  9.791   7.802   1.00 19.62 ? 15  DC  B C6    1 
ATOM   300 P  P     . DA  B 2 4  ? 3.536   10.009  8.469   1.00 32.66 ? 16  DA  B P     1 
ATOM   301 O  OP1   . DA  B 2 4  ? 4.706   10.826  8.880   1.00 33.31 ? 16  DA  B OP1   1 
ATOM   302 O  OP2   . DA  B 2 4  ? 3.002   10.136  7.090   1.00 29.32 ? 16  DA  B OP2   1 
ATOM   303 O  "O5'" . DA  B 2 4  ? 3.856   8.481   8.765   1.00 29.20 ? 16  DA  B "O5'" 1 
ATOM   304 C  "C5'" . DA  B 2 4  ? 3.959   8.029   10.109  1.00 27.27 ? 16  DA  B "C5'" 1 
ATOM   305 C  "C4'" . DA  B 2 4  ? 3.809   6.530   10.167  1.00 27.62 ? 16  DA  B "C4'" 1 
ATOM   306 O  "O4'" . DA  B 2 4  ? 2.476   6.156   9.750   1.00 24.94 ? 16  DA  B "O4'" 1 
ATOM   307 C  "C3'" . DA  B 2 4  ? 4.761   5.779   9.244   1.00 29.09 ? 16  DA  B "C3'" 1 
ATOM   308 O  "O3'" . DA  B 2 4  ? 5.187   4.590   9.906   1.00 31.35 ? 16  DA  B "O3'" 1 
ATOM   309 C  "C2'" . DA  B 2 4  ? 3.911   5.491   8.020   1.00 26.49 ? 16  DA  B "C2'" 1 
ATOM   310 C  "C1'" . DA  B 2 4  ? 2.525   5.316   8.610   1.00 23.70 ? 16  DA  B "C1'" 1 
ATOM   311 N  N9    . DA  B 2 4  ? 1.446   5.726   7.713   1.00 23.23 ? 16  DA  B N9    1 
ATOM   312 C  C8    . DA  B 2 4  ? 1.452   6.762   6.811   1.00 22.11 ? 16  DA  B C8    1 
ATOM   313 N  N7    . DA  B 2 4  ? 0.338   6.884   6.140   1.00 21.56 ? 16  DA  B N7    1 
ATOM   314 C  C5    . DA  B 2 4  ? -0.458  5.859   6.630   1.00 21.86 ? 16  DA  B C5    1 
ATOM   315 C  C6    . DA  B 2 4  ? -1.761  5.450   6.320   1.00 23.37 ? 16  DA  B C6    1 
ATOM   316 N  N6    . DA  B 2 4  ? -2.523  6.048   5.398   1.00 24.04 ? 16  DA  B N6    1 
ATOM   317 N  N1    . DA  B 2 4  ? -2.264  4.394   6.996   1.00 22.74 ? 16  DA  B N1    1 
ATOM   318 C  C2    . DA  B 2 4  ? -1.495  3.797   7.913   1.00 22.38 ? 16  DA  B C2    1 
ATOM   319 N  N3    . DA  B 2 4  ? -0.256  4.087   8.288   1.00 20.51 ? 16  DA  B N3    1 
ATOM   320 C  C4    . DA  B 2 4  ? 0.209   5.142   7.602   1.00 21.95 ? 16  DA  B C4    1 
ATOM   321 P  P     . DT  B 2 5  ? 5.886   3.415   9.072   1.00 33.90 ? 17  DT  B P     1 
ATOM   322 O  OP1   . DT  B 2 5  ? 6.978   2.885   9.925   1.00 32.20 ? 17  DT  B OP1   1 
ATOM   323 O  OP2   . DT  B 2 5  ? 6.179   3.848   7.677   1.00 33.31 ? 17  DT  B OP2   1 
ATOM   324 O  "O5'" . DT  B 2 5  ? 4.738   2.323   9.018   1.00 33.34 ? 17  DT  B "O5'" 1 
ATOM   325 C  "C5'" . DT  B 2 5  ? 3.956   2.060   10.173  1.00 31.73 ? 17  DT  B "C5'" 1 
ATOM   326 C  "C4'" . DT  B 2 5  ? 2.933   0.999   9.866   1.00 30.54 ? 17  DT  B "C4'" 1 
ATOM   327 O  "O4'" . DT  B 2 5  ? 1.931   1.533   8.969   1.00 31.28 ? 17  DT  B "O4'" 1 
ATOM   328 C  "C3'" . DT  B 2 5  ? 3.516   -0.226  9.169   1.00 31.65 ? 17  DT  B "C3'" 1 
ATOM   329 O  "O3'" . DT  B 2 5  ? 2.888   -1.388  9.710   1.00 32.92 ? 17  DT  B "O3'" 1 
ATOM   330 C  "C2'" . DT  B 2 5  ? 3.168   0.001   7.703   1.00 29.00 ? 17  DT  B "C2'" 1 
ATOM   331 C  "C1'" . DT  B 2 5  ? 1.840   0.732   7.801   1.00 28.21 ? 17  DT  B "C1'" 1 
ATOM   332 N  N1    . DT  B 2 5  ? 1.494   1.625   6.670   1.00 26.60 ? 17  DT  B N1    1 
ATOM   333 C  C2    . DT  B 2 5  ? 0.218   1.544   6.160   1.00 24.31 ? 17  DT  B C2    1 
ATOM   334 O  O2    . DT  B 2 5  ? -0.606  0.749   6.563   1.00 22.83 ? 17  DT  B O2    1 
ATOM   335 N  N3    . DT  B 2 5  ? -0.059  2.434   5.157   1.00 24.67 ? 17  DT  B N3    1 
ATOM   336 C  C4    . DT  B 2 5  ? 0.792   3.377   4.617   1.00 23.78 ? 17  DT  B C4    1 
ATOM   337 O  O4    . DT  B 2 5  ? 0.382   4.138   3.741   1.00 21.07 ? 17  DT  B O4    1 
ATOM   338 C  C5    . DT  B 2 5  ? 2.135   3.381   5.168   1.00 23.52 ? 17  DT  B C5    1 
ATOM   339 C  C7    . DT  B 2 5  ? 3.151   4.331   4.608   1.00 22.91 ? 17  DT  B C7    1 
ATOM   340 C  C6    . DT  B 2 5  ? 2.411   2.520   6.158   1.00 24.32 ? 17  DT  B C6    1 
ATOM   341 P  P     . DA  B 2 6  ? 3.313   -2.841  9.193   1.00 33.58 ? 18  DA  B P     1 
ATOM   342 O  OP1   . DA  B 2 6  ? 3.161   -3.740  10.367  1.00 36.32 ? 18  DA  B OP1   1 
ATOM   343 O  OP2   . DA  B 2 6  ? 4.616   -2.755  8.492   1.00 32.05 ? 18  DA  B OP2   1 
ATOM   344 O  "O5'" . DA  B 2 6  ? 2.163   -3.198  8.154   1.00 32.99 ? 18  DA  B "O5'" 1 
ATOM   345 C  "C5'" . DA  B 2 6  ? 0.799   -3.126  8.566   1.00 31.16 ? 18  DA  B "C5'" 1 
ATOM   346 C  "C4'" . DA  B 2 6  ? -0.123  -3.585  7.463   1.00 30.08 ? 18  DA  B "C4'" 1 
ATOM   347 O  "O4'" . DA  B 2 6  ? -0.348  -2.519  6.512   1.00 25.83 ? 18  DA  B "O4'" 1 
ATOM   348 C  "C3'" . DA  B 2 6  ? 0.355   -4.797  6.665   1.00 30.63 ? 18  DA  B "C3'" 1 
ATOM   349 O  "O3'" . DA  B 2 6  ? -0.704  -5.753  6.567   1.00 34.36 ? 18  DA  B "O3'" 1 
ATOM   350 C  "C2'" . DA  B 2 6  ? 0.729   -4.211  5.310   1.00 27.88 ? 18  DA  B "C2'" 1 
ATOM   351 C  "C1'" . DA  B 2 6  ? -0.162  -2.987  5.192   1.00 24.23 ? 18  DA  B "C1'" 1 
ATOM   352 N  N9    . DA  B 2 6  ? 0.419   -1.888  4.422   1.00 21.66 ? 18  DA  B N9    1 
ATOM   353 C  C8    . DA  B 2 6  ? 1.667   -1.342  4.581   1.00 22.88 ? 18  DA  B C8    1 
ATOM   354 N  N7    . DA  B 2 6  ? 1.921   -0.355  3.763   1.00 20.39 ? 18  DA  B N7    1 
ATOM   355 C  C5    . DA  B 2 6  ? 0.762   -0.237  3.012   1.00 20.40 ? 18  DA  B C5    1 
ATOM   356 C  C6    . DA  B 2 6  ? 0.394   0.638   1.980   1.00 19.22 ? 18  DA  B C6    1 
ATOM   357 N  N6    . DA  B 2 6  ? 1.169   1.619   1.535   1.00 19.52 ? 18  DA  B N6    1 
ATOM   358 N  N1    . DA  B 2 6  ? -0.825  0.474   1.424   1.00 20.04 ? 18  DA  B N1    1 
ATOM   359 C  C2    . DA  B 2 6  ? -1.621  -0.488  1.904   1.00 18.99 ? 18  DA  B C2    1 
ATOM   360 N  N3    . DA  B 2 6  ? -1.399  -1.353  2.884   1.00 18.96 ? 18  DA  B N3    1 
ATOM   361 C  C4    . DA  B 2 6  ? -0.170  -1.180  3.402   1.00 20.65 ? 18  DA  B C4    1 
ATOM   362 P  P     . DT  B 2 7  ? -0.510  -7.076  5.677   1.00 37.27 ? 19  DT  B P     1 
ATOM   363 O  OP1   . DT  B 2 7  ? -1.314  -8.141  6.326   1.00 40.71 ? 19  DT  B OP1   1 
ATOM   364 O  OP2   . DT  B 2 7  ? 0.933   -7.294  5.411   1.00 37.05 ? 19  DT  B OP2   1 
ATOM   365 O  "O5'" . DT  B 2 7  ? -1.246  -6.701  4.321   1.00 36.77 ? 19  DT  B "O5'" 1 
ATOM   366 C  "C5'" . DT  B 2 7  ? -2.541  -6.124  4.369   1.00 34.82 ? 19  DT  B "C5'" 1 
ATOM   367 C  "C4'" . DT  B 2 7  ? -3.032  -5.804  2.980   1.00 34.14 ? 19  DT  B "C4'" 1 
ATOM   368 O  "O4'" . DT  B 2 7  ? -2.391  -4.613  2.462   1.00 32.53 ? 19  DT  B "O4'" 1 
ATOM   369 C  "C3'" . DT  B 2 7  ? -2.800  -6.907  1.950   1.00 33.82 ? 19  DT  B "C3'" 1 
ATOM   370 O  "O3'" . DT  B 2 7  ? -4.007  -7.094  1.215   1.00 33.53 ? 19  DT  B "O3'" 1 
ATOM   371 C  "C2'" . DT  B 2 7  ? -1.699  -6.344  1.062   1.00 32.41 ? 19  DT  B "C2'" 1 
ATOM   372 C  "C1'" . DT  B 2 7  ? -1.973  -4.854  1.130   1.00 30.77 ? 19  DT  B "C1'" 1 
ATOM   373 N  N1    . DT  B 2 7  ? -0.819  -3.974  0.846   1.00 27.80 ? 19  DT  B N1    1 
ATOM   374 C  C2    . DT  B 2 7  ? -1.002  -2.974  -0.078  1.00 25.99 ? 19  DT  B C2    1 
ATOM   375 O  O2    . DT  B 2 7  ? -2.043  -2.825  -0.696  1.00 25.42 ? 19  DT  B O2    1 
ATOM   376 N  N3    . DT  B 2 7  ? 0.086   -2.159  -0.266  1.00 24.46 ? 19  DT  B N3    1 
ATOM   377 C  C4    . DT  B 2 7  ? 1.318   -2.251  0.352   1.00 24.08 ? 19  DT  B C4    1 
ATOM   378 O  O4    . DT  B 2 7  ? 2.190   -1.423  0.102   1.00 16.73 ? 19  DT  B O4    1 
ATOM   379 C  C5    . DT  B 2 7  ? 1.459   -3.357  1.280   1.00 26.17 ? 19  DT  B C5    1 
ATOM   380 C  C7    . DT  B 2 7  ? 2.777   -3.578  1.960   1.00 21.95 ? 19  DT  B C7    1 
ATOM   381 C  C6    . DT  B 2 7  ? 0.390   -4.146  1.485   1.00 25.96 ? 19  DT  B C6    1 
ATOM   382 P  P     . DA  B 2 8  ? -4.063  -8.174  0.036   1.00 30.33 ? 20  DA  B P     1 
ATOM   383 O  OP1   . DA  B 2 8  ? -5.294  -8.974  0.247   1.00 34.08 ? 20  DA  B OP1   1 
ATOM   384 O  OP2   . DA  B 2 8  ? -2.760  -8.856  -0.092  1.00 33.61 ? 20  DA  B OP2   1 
ATOM   385 O  "O5'" . DA  B 2 8  ? -4.270  -7.264  -1.249  1.00 31.64 ? 20  DA  B "O5'" 1 
ATOM   386 C  "C5'" . DA  B 2 8  ? -5.184  -6.173  -1.210  1.00 28.86 ? 20  DA  B "C5'" 1 
ATOM   387 C  "C4'" . DA  B 2 8  ? -5.121  -5.397  -2.502  1.00 27.03 ? 20  DA  B "C4'" 1 
ATOM   388 O  "O4'" . DA  B 2 8  ? -3.932  -4.570  -2.551  1.00 25.55 ? 20  DA  B "O4'" 1 
ATOM   389 C  "C3'" . DA  B 2 8  ? -5.073  -6.286  -3.737  1.00 28.12 ? 20  DA  B "C3'" 1 
ATOM   390 O  "O3'" . DA  B 2 8  ? -5.917  -5.741  -4.750  1.00 30.14 ? 20  DA  B "O3'" 1 
ATOM   391 C  "C2'" . DA  B 2 8  ? -3.606  -6.255  -4.138  1.00 27.04 ? 20  DA  B "C2'" 1 
ATOM   392 C  "C1'" . DA  B 2 8  ? -3.182  -4.858  -3.719  1.00 23.54 ? 20  DA  B "C1'" 1 
ATOM   393 N  N9    . DA  B 2 8  ? -1.764  -4.698  -3.386  1.00 21.46 ? 20  DA  B N9    1 
ATOM   394 C  C8    . DA  B 2 8  ? -1.028  -5.411  -2.473  1.00 20.68 ? 20  DA  B C8    1 
ATOM   395 N  N7    . DA  B 2 8  ? 0.210   -4.995  -2.351  1.00 19.99 ? 20  DA  B N7    1 
ATOM   396 C  C5    . DA  B 2 8  ? 0.299   -3.941  -3.248  1.00 18.71 ? 20  DA  B C5    1 
ATOM   397 C  C6    . DA  B 2 8  ? 1.347   -3.056  -3.573  1.00 17.20 ? 20  DA  B C6    1 
ATOM   398 N  N6    . DA  B 2 8  ? 2.544   -3.068  -2.979  1.00 15.78 ? 20  DA  B N6    1 
ATOM   399 N  N1    . DA  B 2 8  ? 1.115   -2.135  -4.528  1.00 14.97 ? 20  DA  B N1    1 
ATOM   400 C  C2    . DA  B 2 8  ? -0.096  -2.096  -5.096  1.00 17.90 ? 20  DA  B C2    1 
ATOM   401 N  N3    . DA  B 2 8  ? -1.165  -2.849  -4.862  1.00 16.55 ? 20  DA  B N3    1 
ATOM   402 C  C4    . DA  B 2 8  ? -0.900  -3.765  -3.913  1.00 19.99 ? 20  DA  B C4    1 
ATOM   403 P  P     . DA  B 2 9  ? -5.981  -6.446  -6.186  1.00 31.89 ? 21  DA  B P     1 
ATOM   404 O  OP1   . DA  B 2 9  ? -7.361  -6.295  -6.708  1.00 33.03 ? 21  DA  B OP1   1 
ATOM   405 O  OP2   . DA  B 2 9  ? -5.380  -7.797  -6.068  1.00 35.81 ? 21  DA  B OP2   1 
ATOM   406 O  "O5'" . DA  B 2 9  ? -5.015  -5.544  -7.069  1.00 32.81 ? 21  DA  B "O5'" 1 
ATOM   407 C  "C5'" . DA  B 2 9  ? -5.184  -4.133  -7.077  1.00 31.28 ? 21  DA  B "C5'" 1 
ATOM   408 C  "C4'" . DA  B 2 9  ? -4.296  -3.505  -8.119  1.00 30.20 ? 21  DA  B "C4'" 1 
ATOM   409 O  "O4'" . DA  B 2 9  ? -2.943  -3.380  -7.630  1.00 29.01 ? 21  DA  B "O4'" 1 
ATOM   410 C  "C3'" . DA  B 2 9  ? -4.217  -4.285  -9.423  1.00 30.99 ? 21  DA  B "C3'" 1 
ATOM   411 O  "O3'" . DA  B 2 9  ? -4.363  -3.376  -10.509 1.00 32.65 ? 21  DA  B "O3'" 1 
ATOM   412 C  "C2'" . DA  B 2 9  ? -2.837  -4.925  -9.385  1.00 30.39 ? 21  DA  B "C2'" 1 
ATOM   413 C  "C1'" . DA  B 2 9  ? -2.026  -3.950  -8.546  1.00 27.59 ? 21  DA  B "C1'" 1 
ATOM   414 N  N9    . DA  B 2 9  ? -0.940  -4.533  -7.753  1.00 27.63 ? 21  DA  B N9    1 
ATOM   415 C  C8    . DA  B 2 9  ? -1.002  -5.624  -6.919  1.00 25.63 ? 21  DA  B C8    1 
ATOM   416 N  N7    . DA  B 2 9  ? 0.110   -5.863  -6.274  1.00 24.75 ? 21  DA  B N7    1 
ATOM   417 C  C5    . DA  B 2 9  ? 0.973   -4.874  -6.724  1.00 24.80 ? 21  DA  B C5    1 
ATOM   418 C  C6    . DA  B 2 9  ? 2.310   -4.569  -6.400  1.00 25.79 ? 21  DA  B C6    1 
ATOM   419 N  N6    . DA  B 2 9  ? 3.014   -5.247  -5.494  1.00 24.63 ? 21  DA  B N6    1 
ATOM   420 N  N1    . DA  B 2 9  ? 2.894   -3.528  -7.039  1.00 24.97 ? 21  DA  B N1    1 
ATOM   421 C  C2    . DA  B 2 9  ? 2.160   -2.833  -7.925  1.00 26.81 ? 21  DA  B C2    1 
ATOM   422 N  N3    . DA  B 2 9  ? 0.886   -3.011  -8.296  1.00 24.16 ? 21  DA  B N3    1 
ATOM   423 C  C4    . DA  B 2 9  ? 0.348   -4.060  -7.652  1.00 24.59 ? 21  DA  B C4    1 
ATOM   424 P  P     . DG  B 2 10 ? -4.815  -3.922  -11.941 1.00 34.76 ? 22  DG  B P     1 
ATOM   425 O  OP1   . DG  B 2 10 ? -5.736  -2.916  -12.522 1.00 35.14 ? 22  DG  B OP1   1 
ATOM   426 O  OP2   . DG  B 2 10 ? -5.251  -5.339  -11.806 1.00 32.05 ? 22  DG  B OP2   1 
ATOM   427 O  "O5'" . DG  B 2 10 ? -3.460  -3.868  -12.769 1.00 34.11 ? 22  DG  B "O5'" 1 
ATOM   428 C  "C5'" . DG  B 2 10 ? -2.649  -2.700  -12.732 1.00 31.48 ? 22  DG  B "C5'" 1 
ATOM   429 C  "C4'" . DG  B 2 10 ? -1.232  -3.032  -13.129 1.00 30.35 ? 22  DG  B "C4'" 1 
ATOM   430 O  "O4'" . DG  B 2 10 ? -0.469  -3.582  -12.026 1.00 29.29 ? 22  DG  B "O4'" 1 
ATOM   431 C  "C3'" . DG  B 2 10 ? -1.111  -4.045  -14.268 1.00 30.53 ? 22  DG  B "C3'" 1 
ATOM   432 O  "O3'" . DG  B 2 10 ? -0.123  -3.589  -15.185 1.00 30.03 ? 22  DG  B "O3'" 1 
ATOM   433 C  "C2'" . DG  B 2 10 ? -0.613  -5.300  -13.569 1.00 27.61 ? 22  DG  B "C2'" 1 
ATOM   434 C  "C1'" . DG  B 2 10 ? 0.289   -4.658  -12.544 1.00 26.04 ? 22  DG  B "C1'" 1 
ATOM   435 N  N9    . DG  B 2 10 ? 0.780   -5.465  -11.436 1.00 22.37 ? 22  DG  B N9    1 
ATOM   436 C  C8    . DG  B 2 10 ? 0.168   -6.516  -10.801 1.00 24.05 ? 22  DG  B C8    1 
ATOM   437 N  N7    . DG  B 2 10 ? 0.893   -7.023  -9.840  1.00 22.79 ? 22  DG  B N7    1 
ATOM   438 C  C5    . DG  B 2 10 ? 2.050   -6.256  -9.844  1.00 20.97 ? 22  DG  B C5    1 
ATOM   439 C  C6    . DG  B 2 10 ? 3.201   -6.319  -9.021  1.00 20.48 ? 22  DG  B C6    1 
ATOM   440 O  O6    . DG  B 2 10 ? 3.434   -7.083  -8.079  1.00 20.24 ? 22  DG  B O6    1 
ATOM   441 N  N1    . DG  B 2 10 ? 4.136   -5.352  -9.380  1.00 18.47 ? 22  DG  B N1    1 
ATOM   442 C  C2    . DG  B 2 10 ? 3.982   -4.441  -10.396 1.00 18.62 ? 22  DG  B C2    1 
ATOM   443 N  N2    . DG  B 2 10 ? 4.995   -3.600  -10.608 1.00 16.98 ? 22  DG  B N2    1 
ATOM   444 N  N3    . DG  B 2 10 ? 2.914   -4.365  -11.154 1.00 21.49 ? 22  DG  B N3    1 
ATOM   445 C  C4    . DG  B 2 10 ? 1.994   -5.296  -10.827 1.00 21.89 ? 22  DG  B C4    1 
ATOM   446 P  P     . DC  B 2 11 ? -0.340  -3.822  -16.755 1.00 36.56 ? 23  DC  B P     1 
ATOM   447 O  OP1   . DC  B 2 11 ? -1.434  -2.903  -17.193 1.00 32.95 ? 23  DC  B OP1   1 
ATOM   448 O  OP2   . DC  B 2 11 ? -0.467  -5.289  -16.987 1.00 32.29 ? 23  DC  B OP2   1 
ATOM   449 O  "O5'" . DC  B 2 11 ? 1.036   -3.344  -17.397 1.00 32.93 ? 23  DC  B "O5'" 1 
ATOM   450 C  "C5'" . DC  B 2 11 ? 1.717   -2.191  -16.901 1.00 31.44 ? 23  DC  B "C5'" 1 
ATOM   451 C  "C4'" . DC  B 2 11 ? 3.195   -2.476  -16.803 1.00 29.15 ? 23  DC  B "C4'" 1 
ATOM   452 O  "O4'" . DC  B 2 11 ? 3.472   -3.194  -15.577 1.00 29.03 ? 23  DC  B "O4'" 1 
ATOM   453 C  "C3'" . DC  B 2 11 ? 3.693   -3.367  -17.941 1.00 31.30 ? 23  DC  B "C3'" 1 
ATOM   454 O  "O3'" . DC  B 2 11 ? 4.984   -2.980  -18.390 1.00 33.15 ? 23  DC  B "O3'" 1 
ATOM   455 C  "C2'" . DC  B 2 11 ? 3.797   -4.734  -17.300 1.00 30.91 ? 23  DC  B "C2'" 1 
ATOM   456 C  "C1'" . DC  B 2 11 ? 4.202   -4.370  -15.888 1.00 28.83 ? 23  DC  B "C1'" 1 
ATOM   457 N  N1    . DC  B 2 11 ? 3.864   -5.416  -14.910 1.00 26.60 ? 23  DC  B N1    1 
ATOM   458 C  C2    . DC  B 2 11 ? 4.761   -5.684  -13.872 1.00 25.76 ? 23  DC  B C2    1 
ATOM   459 O  O2    . DC  B 2 11 ? 5.764   -4.973  -13.748 1.00 23.86 ? 23  DC  B O2    1 
ATOM   460 N  N3    . DC  B 2 11 ? 4.504   -6.709  -13.029 1.00 25.80 ? 23  DC  B N3    1 
ATOM   461 C  C4    . DC  B 2 11 ? 3.396   -7.437  -13.185 1.00 24.92 ? 23  DC  B C4    1 
ATOM   462 N  N4    . DC  B 2 11 ? 3.197   -8.462  -12.350 1.00 24.16 ? 23  DC  B N4    1 
ATOM   463 C  C5    . DC  B 2 11 ? 2.444   -7.154  -14.207 1.00 24.90 ? 23  DC  B C5    1 
ATOM   464 C  C6    . DC  B 2 11 ? 2.713   -6.141  -15.034 1.00 24.21 ? 23  DC  B C6    1 
ATOM   465 P  P     . DG  B 2 12 ? 5.531   -3.542  -19.790 1.00 36.39 ? 24  DG  B P     1 
ATOM   466 O  OP1   . DG  B 2 12 ? 5.354   -2.455  -20.780 1.00 36.59 ? 24  DG  B OP1   1 
ATOM   467 O  OP2   . DG  B 2 12 ? 4.920   -4.874  -20.056 1.00 37.64 ? 24  DG  B OP2   1 
ATOM   468 O  "O5'" . DG  B 2 12 ? 7.091   -3.762  -19.514 1.00 35.81 ? 24  DG  B "O5'" 1 
ATOM   469 C  "C5'" . DG  B 2 12 ? 7.863   -2.760  -18.853 1.00 31.37 ? 24  DG  B "C5'" 1 
ATOM   470 C  "C4'" . DG  B 2 12 ? 8.964   -3.385  -18.028 1.00 29.99 ? 24  DG  B "C4'" 1 
ATOM   471 O  "O4'" . DG  B 2 12 ? 8.402   -4.150  -16.934 1.00 27.68 ? 24  DG  B "O4'" 1 
ATOM   472 C  "C3'" . DG  B 2 12 ? 9.914   -4.332  -18.768 1.00 30.19 ? 24  DG  B "C3'" 1 
ATOM   473 C  "C2'" . DG  B 2 12 ? 9.406   -5.703  -18.371 1.00 29.03 ? 24  DG  B "C2'" 1 
ATOM   474 C  "C1'" . DG  B 2 12 ? 8.932   -5.466  -16.947 1.00 27.07 ? 24  DG  B "C1'" 1 
ATOM   475 N  N9    . DG  B 2 12 ? 7.873   -6.385  -16.540 1.00 24.14 ? 24  DG  B N9    1 
ATOM   476 C  C8    . DG  B 2 12 ? 6.630   -6.503  -17.109 1.00 22.19 ? 24  DG  B C8    1 
ATOM   477 N  N7    . DG  B 2 12 ? 5.904   -7.435  -16.558 1.00 22.61 ? 24  DG  B N7    1 
ATOM   478 C  C5    . DG  B 2 12 ? 6.715   -7.964  -15.564 1.00 20.87 ? 24  DG  B C5    1 
ATOM   479 C  C6    . DG  B 2 12 ? 6.472   -9.021  -14.644 1.00 21.14 ? 24  DG  B C6    1 
ATOM   480 O  O6    . DG  B 2 12 ? 5.470   -9.738  -14.540 1.00 21.71 ? 24  DG  B O6    1 
ATOM   481 N  N1    . DG  B 2 12 ? 7.555   -9.219  -13.795 1.00 18.78 ? 24  DG  B N1    1 
ATOM   482 C  C2    . DG  B 2 12 ? 8.728   -8.510  -13.838 1.00 19.13 ? 24  DG  B C2    1 
ATOM   483 N  N2    . DG  B 2 12 ? 9.652   -8.858  -12.933 1.00 17.83 ? 24  DG  B N2    1 
ATOM   484 N  N3    . DG  B 2 12 ? 8.974   -7.535  -14.702 1.00 18.18 ? 24  DG  B N3    1 
ATOM   485 C  C4    . DG  B 2 12 ? 7.930   -7.317  -15.529 1.00 20.75 ? 24  DG  B C4    1 
HETATM 486 MG MG    . MG  C 3 .  ? 3.270   -11.195 -7.276  1.00 27.76 ? 26  MG  A MG    1 
HETATM 487 O  O     . HOH D 4 .  ? 1.487   5.617   -0.579  1.00 24.03 ? 28  HOH A O     1 
HETATM 488 O  O     . HOH D 4 .  ? -4.748  6.238   -4.020  1.00 18.25 ? 30  HOH A O     1 
HETATM 489 O  O     . HOH D 4 .  ? 6.457   -12.072 -4.896  1.00 14.37 ? 32  HOH A O     1 
HETATM 490 O  O     . HOH D 4 .  ? 1.732   -12.021 -11.309 1.00 43.68 ? 33  HOH A O     1 
HETATM 491 O  O     . HOH D 4 .  ? -4.981  5.749   0.414   1.00 18.84 ? 34  HOH A O     1 
HETATM 492 O  O     . HOH D 4 .  ? 4.138   0.787   -10.906 1.00 22.91 ? 35  HOH A O     1 
HETATM 493 O  O     . HOH D 4 .  ? -4.305  -2.158  3.591   1.00 26.02 ? 36  HOH A O     1 
HETATM 494 O  O     . HOH D 4 .  ? -3.100  -0.973  -5.023  1.00 23.62 ? 37  HOH A O     1 
HETATM 495 O  O     . HOH D 4 .  ? -11.184 -2.852  11.038  1.00 39.31 ? 39  HOH A O     1 
HETATM 496 O  O     . HOH D 4 .  ? -3.626  0.150   -7.481  1.00 21.61 ? 42  HOH A O     1 
HETATM 497 O  O     . HOH D 4 .  ? -10.591 0.848   5.597   1.00 28.39 ? 43  HOH A O     1 
HETATM 498 O  O     . HOH D 4 .  ? 15.359  -0.557  -8.248  1.00 30.38 ? 44  HOH A O     1 
HETATM 499 O  O     . HOH D 4 .  ? -0.689  -0.283  -8.609  1.00 41.63 ? 45  HOH A O     1 
HETATM 500 O  O     . HOH D 4 .  ? -6.946  6.583   -2.025  1.00 42.99 ? 46  HOH A O     1 
HETATM 501 O  O     . HOH D 4 .  ? -2.262  6.953   0.872   1.00 17.72 ? 47  HOH A O     1 
HETATM 502 O  O     . HOH D 4 .  ? -7.581  6.343   1.886   1.00 21.56 ? 48  HOH A O     1 
HETATM 503 O  O     . HOH D 4 .  ? 9.700   4.062   -4.351  1.00 37.54 ? 51  HOH A O     1 
HETATM 504 O  O     . HOH D 4 .  ? -10.106 -5.252  2.685   1.00 22.33 ? 52  HOH A O     1 
HETATM 505 O  O     . HOH D 4 .  ? -0.344  6.999   -5.754  1.00 31.43 ? 53  HOH A O     1 
HETATM 506 O  O     . HOH D 4 .  ? -7.421  2.802   17.973  1.00 37.69 ? 54  HOH A O     1 
HETATM 507 O  O     . HOH D 4 .  ? 9.076   -10.389 -4.456  1.00 22.40 ? 55  HOH A O     1 
HETATM 508 O  O     . HOH D 4 .  ? 4.841   2.763   -12.903 1.00 41.78 ? 58  HOH A O     1 
HETATM 509 O  O     . HOH D 4 .  ? -3.431  -3.670  13.135  1.00 46.56 ? 60  HOH A O     1 
HETATM 510 O  O     . HOH D 4 .  ? 2.951   -14.501 -9.997  1.00 41.05 ? 62  HOH A O     1 
HETATM 511 O  O     . HOH D 4 .  ? 15.426  0.444   -5.232  0.50 34.91 ? 63  HOH A O     1 
HETATM 512 O  O     . HOH D 4 .  ? -8.950  0.699   15.781  1.00 43.89 ? 65  HOH A O     1 
HETATM 513 O  O     . HOH D 4 .  ? -10.556 -5.330  12.738  0.50 23.70 ? 66  HOH A O     1 
HETATM 514 O  O     . HOH D 4 .  ? -3.361  8.697   -1.120  1.00 23.93 ? 68  HOH A O     1 
HETATM 515 O  O     . HOH D 4 .  ? -6.101  1.799   -9.627  1.00 39.33 ? 69  HOH A O     1 
HETATM 516 O  O     . HOH D 4 .  ? -5.409  9.986   0.748   1.00 45.01 ? 72  HOH A O     1 
HETATM 517 O  O     . HOH D 4 .  ? -11.662 -0.032  14.697  1.00 39.10 ? 73  HOH A O     1 
HETATM 518 O  O     . HOH D 4 .  ? -7.109  -4.487  1.269   1.00 29.76 ? 76  HOH A O     1 
HETATM 519 O  O     . HOH D 4 .  ? -5.904  11.585  -1.846  1.00 28.47 ? 78  HOH A O     1 
HETATM 520 O  O     . HOH D 4 .  ? -11.110 -0.525  8.038   0.50 40.04 ? 84  HOH A O     1 
HETATM 521 O  O     . HOH D 4 .  ? 12.880  2.764   -4.846  1.00 56.02 ? 85  HOH A O     1 
HETATM 522 O  O     . HOH D 4 .  ? -13.058 2.378   15.228  1.00 48.17 ? 87  HOH A O     1 
HETATM 523 O  O     . HOH D 4 .  ? 4.188   4.006   -2.007  1.00 49.01 ? 88  HOH A O     1 
HETATM 524 O  O     . HOH D 4 .  ? 10.528  -2.245  -3.683  1.00 35.82 ? 91  HOH A O     1 
HETATM 525 O  O     . HOH D 4 .  ? -7.050  6.753   4.582   1.00 44.69 ? 95  HOH A O     1 
HETATM 526 O  O     . HOH D 4 .  ? -2.692  11.341  -2.405  0.50 41.05 ? 97  HOH A O     1 
HETATM 527 O  O     . HOH D 4 .  ? 11.048  5.639   -6.501  1.00 33.42 ? 100 HOH A O     1 
HETATM 528 O  O     . HOH D 4 .  ? 15.173  -2.368  -4.025  1.00 40.44 ? 102 HOH A O     1 
HETATM 529 O  O     . HOH D 4 .  ? 11.409  8.628   -6.851  1.00 32.79 ? 103 HOH A O     1 
HETATM 530 O  O     . HOH D 4 .  ? 13.335  1.234   -2.234  1.00 45.72 ? 106 HOH A O     1 
HETATM 531 O  O     . HOH D 4 .  ? 3.067   2.438   17.858  0.50 36.94 ? 107 HOH A O     1 
HETATM 532 O  O     . HOH D 4 .  ? -3.843  -3.289  6.427   1.00 49.72 ? 108 HOH A O     1 
HETATM 533 O  O     . HOH D 4 .  ? -1.513  -5.805  14.657  1.00 43.86 ? 109 HOH A O     1 
HETATM 534 O  O     . HOH D 4 .  ? -13.002 -5.068  1.352   1.00 41.97 ? 110 HOH A O     1 
HETATM 535 O  O     . HOH D 4 .  ? -9.558  3.573   1.662   1.00 45.62 ? 112 HOH A O     1 
HETATM 536 O  O     . HOH D 4 .  ? 3.703   -13.080 -7.971  1.00 27.12 ? 115 HOH A O     1 
HETATM 537 O  O     . HOH D 4 .  ? 3.609   -10.404 -9.138  1.00 26.62 ? 116 HOH A O     1 
HETATM 538 O  O     . HOH D 4 .  ? 2.978   -12.009 -5.392  1.00 28.63 ? 118 HOH A O     1 
HETATM 539 O  O     . HOH D 4 .  ? 5.281   -10.905 -6.879  1.00 27.85 ? 119 HOH A O     1 
HETATM 540 O  O     . HOH E 4 .  ? -2.129  -0.805  7.262   1.00 21.97 ? 27  HOH B O     1 
HETATM 541 O  O     . HOH E 4 .  ? 5.089   -1.330  0.750   1.00 24.61 ? 29  HOH B O     1 
HETATM 542 O  O     . HOH E 4 .  ? -4.774  -2.517  -0.753  1.00 27.99 ? 31  HOH B O     1 
HETATM 543 O  O     . HOH E 4 .  ? -5.317  -10.655 2.461   1.00 29.23 ? 38  HOH B O     1 
HETATM 544 O  O     . HOH E 4 .  ? 11.051  -1.486  -21.183 1.00 22.38 ? 40  HOH B O     1 
HETATM 545 O  O     . HOH E 4 .  ? 0.566   -12.890 -0.915  1.00 34.05 ? 41  HOH B O     1 
HETATM 546 O  O     . HOH E 4 .  ? 4.394   -2.265  5.681   1.00 43.98 ? 49  HOH B O     1 
HETATM 547 O  O     . HOH E 4 .  ? 3.783   1.131   3.013   1.00 19.45 ? 50  HOH B O     1 
HETATM 548 O  O     . HOH E 4 .  ? -2.791  12.189  5.133   1.00 47.65 ? 56  HOH B O     1 
HETATM 549 O  O     . HOH E 4 .  ? 6.499   11.137  10.728  1.00 34.36 ? 57  HOH B O     1 
HETATM 550 O  O     . HOH E 4 .  ? 3.733   -0.311  -21.349 1.00 33.32 ? 59  HOH B O     1 
HETATM 551 O  O     . HOH E 4 .  ? 13.528  -1.932  -19.158 1.00 22.37 ? 61  HOH B O     1 
HETATM 552 O  O     . HOH E 4 .  ? 6.198   -2.632  11.371  1.00 35.91 ? 64  HOH B O     1 
HETATM 553 O  O     . HOH E 4 .  ? 2.373   -1.759  -12.797 1.00 36.06 ? 67  HOH B O     1 
HETATM 554 O  O     . HOH E 4 .  ? 2.380   -5.544  -0.786  1.00 33.95 ? 70  HOH B O     1 
HETATM 555 O  O     . HOH E 4 .  ? -10.780 13.991  15.243  1.00 25.14 ? 71  HOH B O     1 
HETATM 556 O  O     . HOH E 4 .  ? -2.504  -11.656 -0.815  1.00 37.28 ? 74  HOH B O     1 
HETATM 557 O  O     . HOH E 4 .  ? -5.930  -11.728 -1.185  1.00 38.10 ? 75  HOH B O     1 
HETATM 558 O  O     . HOH E 4 .  ? -13.347 15.719  9.700   1.00 24.04 ? 77  HOH B O     1 
HETATM 559 O  O     . HOH E 4 .  ? -13.261 12.275  14.366  1.00 34.67 ? 79  HOH B O     1 
HETATM 560 O  O     . HOH E 4 .  ? -11.777 17.855  8.431   1.00 41.56 ? 80  HOH B O     1 
HETATM 561 O  O     . HOH E 4 .  ? -5.273  -1.775  -3.504  1.00 35.17 ? 81  HOH B O     1 
HETATM 562 O  O     . HOH E 4 .  ? 3.230   -6.848  3.909   1.00 38.13 ? 82  HOH B O     1 
HETATM 563 O  O     . HOH E 4 .  ? -9.366  12.183  6.421   1.00 28.96 ? 83  HOH B O     1 
HETATM 564 O  O     . HOH E 4 .  ? 3.467   2.790   0.765   1.00 48.72 ? 86  HOH B O     1 
HETATM 565 O  O     . HOH E 4 .  ? 8.812   3.837   8.431   1.00 44.23 ? 89  HOH B O     1 
HETATM 566 O  O     . HOH E 4 .  ? -0.477  -9.009  -8.528  1.00 40.27 ? 90  HOH B O     1 
HETATM 567 O  O     . HOH E 4 .  ? -7.759  -2.837  -5.347  1.00 42.14 ? 92  HOH B O     1 
HETATM 568 O  O     . HOH E 4 .  ? 1.600   -2.668  12.372  0.50 24.09 ? 93  HOH B O     1 
HETATM 569 O  O     . HOH E 4 .  ? 4.044   -8.551  -18.365 1.00 37.25 ? 94  HOH B O     1 
HETATM 570 O  O     . HOH E 4 .  ? -5.713  -4.373  -15.459 1.00 43.74 ? 96  HOH B O     1 
HETATM 571 O  O     . HOH E 4 .  ? 0.807   -8.318  -4.624  1.00 41.37 ? 98  HOH B O     1 
HETATM 572 O  O     . HOH E 4 .  ? 4.457   -0.285  13.094  1.00 30.44 ? 99  HOH B O     1 
HETATM 573 O  O     . HOH E 4 .  ? -6.332  -10.659 -7.980  1.00 42.08 ? 101 HOH B O     1 
HETATM 574 O  O     . HOH E 4 .  ? 6.875   2.242   12.391  1.00 35.96 ? 104 HOH B O     1 
HETATM 575 O  O     . HOH E 4 .  ? -0.279  16.599  10.631  1.00 34.33 ? 105 HOH B O     1 
HETATM 576 O  O     . HOH E 4 .  ? -11.277 15.123  6.502   1.00 42.93 ? 111 HOH B O     1 
HETATM 577 O  O     . HOH E 4 .  ? 3.630   -9.130  -21.337 1.00 43.79 ? 113 HOH B O     1 
HETATM 578 O  O     . HOH E 4 .  ? 5.979   -5.249  10.425  0.50 36.18 ? 114 HOH B O     1 
HETATM 579 O  O     . HOH E 4 .  ? 2.809   -9.314  -6.548  1.00 26.31 ? 117 HOH B O     1 
HETATM 580 O  O     . HOH E 4 .  ? 1.250   -11.447 -7.706  1.00 28.64 ? 120 HOH B O     1 
# 
